data_9UPA
#
_entry.id   9UPA
#
_cell.length_a   53.350
_cell.length_b   69.300
_cell.length_c   91.080
_cell.angle_alpha   90.000
_cell.angle_beta   91.914
_cell.angle_gamma   90.000
#
_symmetry.space_group_name_H-M   'P 1 21 1'
#
loop_
_entity.id
_entity.type
_entity.pdbx_description
1 polymer Beta-xylanase
2 water water
#
_entity_poly.entity_id   1
_entity_poly.type   'polypeptide(L)'
_entity_poly.pdbx_seq_one_letter_code
;PALKDLAKAKGMRFGSAIGLLEDQDTRKSFRDPAYRALMARECNMIVAENETKWQALQPKPGPYQWGPADEMFAWARKEG
MAIRGHALIWQDPKWLPAWVNALDLKSKPVAHAEAILREHAKTVCTHLKDVISHDVVNEAVSPKDGSLIQNVFTKRMGAV
EQIEFAFRQAHEHAPKAQLVYNDFMGPGLGDRAKHRAGVLKLLAELKKRGAPIHALGLQSHISAGDMMSGPANAAVLREW
RKFLDEVTGMGLDLLITEFDVNDKAFPADFAKRDAATAALARDYLDVTLSYPTCRDFLLWGMADHVNWLQVWPDAKRPDG
LAQRPTPYDSQLRPKPMREAIAASLRAMPMRKA
;
_entity_poly.pdbx_strand_id   A,B
#
# COMPACT_ATOMS: atom_id res chain seq x y z
N PRO A 1 26.73 -25.84 10.78
CA PRO A 1 25.81 -25.69 11.91
C PRO A 1 24.56 -24.89 11.55
N ALA A 2 23.44 -25.26 12.17
CA ALA A 2 22.17 -24.60 11.88
C ALA A 2 22.02 -23.31 12.70
N LEU A 3 21.26 -22.36 12.14
CA LEU A 3 21.06 -21.09 12.81
C LEU A 3 20.54 -21.29 14.23
N LYS A 4 19.69 -22.29 14.43
CA LYS A 4 19.19 -22.55 15.78
C LYS A 4 20.33 -22.98 16.71
N ASP A 5 21.36 -23.64 16.18
CA ASP A 5 22.46 -24.09 17.02
C ASP A 5 23.38 -22.94 17.42
N LEU A 6 23.72 -22.08 16.46
CA LEU A 6 24.48 -20.86 16.78
C LEU A 6 23.71 -20.02 17.80
N ALA A 7 22.40 -19.83 17.56
CA ALA A 7 21.59 -19.02 18.46
C ALA A 7 21.50 -19.65 19.83
N LYS A 8 21.42 -20.98 19.90
CA LYS A 8 21.25 -21.67 21.17
C LYS A 8 22.52 -21.71 21.99
N ALA A 9 23.68 -21.81 21.33
CA ALA A 9 24.94 -21.73 22.05
C ALA A 9 25.11 -20.41 22.80
N LYS A 10 24.44 -19.34 22.34
CA LYS A 10 24.49 -18.06 23.02
C LYS A 10 23.30 -17.80 23.93
N GLY A 11 22.37 -18.75 24.04
CA GLY A 11 21.22 -18.56 24.90
C GLY A 11 20.05 -17.86 24.24
N MET A 12 19.87 -18.01 22.93
CA MET A 12 18.83 -17.31 22.18
C MET A 12 18.04 -18.33 21.39
N ARG A 13 16.71 -18.16 21.38
CA ARG A 13 15.87 -18.99 20.54
C ARG A 13 15.80 -18.42 19.13
N PHE A 14 15.73 -19.31 18.14
CA PHE A 14 15.65 -18.90 16.75
C PHE A 14 14.42 -19.53 16.11
N GLY A 15 13.63 -18.71 15.44
CA GLY A 15 12.41 -19.19 14.83
C GLY A 15 12.03 -18.44 13.58
N SER A 16 10.84 -18.71 13.09
CA SER A 16 10.40 -18.13 11.83
C SER A 16 8.88 -18.17 11.76
N ALA A 17 8.33 -17.29 10.93
CA ALA A 17 6.91 -17.34 10.61
C ALA A 17 6.62 -18.41 9.58
N ILE A 18 5.41 -18.95 9.65
CA ILE A 18 4.92 -19.91 8.66
C ILE A 18 3.40 -19.79 8.60
N GLY A 19 2.85 -19.91 7.40
CA GLY A 19 1.46 -19.58 7.18
C GLY A 19 0.74 -20.58 6.31
N LEU A 20 -0.59 -20.44 6.30
CA LEU A 20 -1.46 -21.33 5.54
C LEU A 20 -2.58 -20.61 4.80
N LEU A 21 -3.10 -19.49 5.32
CA LEU A 21 -4.34 -18.92 4.79
C LEU A 21 -4.11 -17.98 3.62
N GLU A 22 -3.19 -17.04 3.75
CA GLU A 22 -3.08 -15.91 2.84
C GLU A 22 -2.02 -16.14 1.76
N ASP A 23 -2.31 -15.64 0.57
CA ASP A 23 -1.39 -15.66 -0.57
C ASP A 23 -0.87 -17.07 -0.86
N GLN A 24 -1.82 -17.97 -1.13
CA GLN A 24 -1.45 -19.40 -1.18
C GLN A 24 -0.90 -19.81 -2.54
N ASP A 25 -1.49 -19.31 -3.64
CA ASP A 25 -0.99 -19.69 -4.95
C ASP A 25 0.44 -19.23 -5.18
N THR A 26 0.89 -18.18 -4.49
CA THR A 26 2.21 -17.60 -4.68
C THR A 26 3.13 -17.81 -3.48
N ARG A 27 2.68 -17.51 -2.28
CA ARG A 27 3.52 -17.60 -1.07
C ARG A 27 3.25 -18.88 -0.28
N LYS A 28 3.29 -20.01 -0.98
CA LYS A 28 3.00 -21.32 -0.38
C LYS A 28 4.12 -21.69 0.58
N SER A 29 3.80 -21.76 1.88
CA SER A 29 4.81 -21.99 2.92
C SER A 29 4.60 -23.32 3.63
N PHE A 30 3.57 -23.43 4.47
CA PHE A 30 3.42 -24.65 5.27
C PHE A 30 3.11 -25.87 4.42
N ARG A 31 2.38 -25.70 3.31
CA ARG A 31 2.01 -26.84 2.48
C ARG A 31 3.17 -27.38 1.66
N ASP A 32 4.32 -26.73 1.69
CA ASP A 32 5.50 -27.19 0.96
C ASP A 32 6.33 -28.06 1.91
N PRO A 33 6.39 -29.37 1.73
CA PRO A 33 7.14 -30.20 2.68
C PRO A 33 8.61 -29.86 2.77
N ALA A 34 9.24 -29.48 1.64
CA ALA A 34 10.65 -29.13 1.67
C ALA A 34 10.88 -27.85 2.48
N TYR A 35 9.96 -26.89 2.38
CA TYR A 35 10.06 -25.68 3.18
C TYR A 35 9.88 -25.97 4.66
N ARG A 36 8.93 -26.86 4.99
CA ARG A 36 8.77 -27.31 6.37
C ARG A 36 10.05 -27.92 6.89
N ALA A 37 10.71 -28.75 6.08
CA ALA A 37 11.93 -29.41 6.51
C ALA A 37 13.07 -28.42 6.71
N LEU A 38 13.18 -27.42 5.82
CA LEU A 38 14.21 -26.39 6.00
C LEU A 38 13.98 -25.61 7.28
N MET A 39 12.73 -25.21 7.53
CA MET A 39 12.42 -24.49 8.77
C MET A 39 12.77 -25.34 9.97
N ALA A 40 12.41 -26.62 9.96
CA ALA A 40 12.72 -27.49 11.09
C ALA A 40 14.22 -27.69 11.25
N ARG A 41 14.98 -27.61 10.16
CA ARG A 41 16.43 -27.71 10.28
C ARG A 41 17.03 -26.49 10.96
N GLU A 42 16.69 -25.29 10.46
CA GLU A 42 17.39 -24.09 10.91
C GLU A 42 16.74 -23.42 12.12
N CYS A 43 15.53 -23.80 12.49
CA CYS A 43 14.77 -23.10 13.53
C CYS A 43 14.31 -24.08 14.59
N ASN A 44 14.16 -23.56 15.81
CA ASN A 44 13.47 -24.28 16.87
C ASN A 44 12.29 -23.49 17.41
N MET A 45 11.83 -22.48 16.67
CA MET A 45 10.69 -21.69 17.08
C MET A 45 9.82 -21.34 15.89
N ILE A 46 8.51 -21.38 16.12
CA ILE A 46 7.50 -21.16 15.09
C ILE A 46 6.63 -20.00 15.51
N VAL A 47 6.18 -19.20 14.53
CA VAL A 47 5.14 -18.21 14.77
C VAL A 47 4.19 -18.25 13.58
N ALA A 48 2.92 -17.98 13.87
CA ALA A 48 1.87 -18.02 12.85
C ALA A 48 1.79 -16.67 12.16
N GLU A 49 1.93 -16.69 10.83
CA GLU A 49 1.93 -15.45 10.07
C GLU A 49 0.60 -14.71 10.19
N ASN A 50 -0.51 -15.45 10.17
CA ASN A 50 -1.84 -14.85 10.18
C ASN A 50 -2.87 -15.70 10.93
N GLU A 51 -2.50 -16.94 11.27
CA GLU A 51 -3.50 -17.92 11.67
C GLU A 51 -3.99 -17.72 13.10
N THR A 52 -3.33 -16.89 13.90
CA THR A 52 -3.78 -16.59 15.26
C THR A 52 -4.10 -15.11 15.42
N LYS A 53 -4.30 -14.40 14.32
CA LYS A 53 -4.85 -13.05 14.39
C LYS A 53 -6.36 -13.12 14.57
N TRP A 54 -6.92 -12.06 15.15
CA TRP A 54 -8.36 -12.06 15.43
C TRP A 54 -9.17 -12.23 14.15
N GLN A 55 -8.73 -11.61 13.06
CA GLN A 55 -9.46 -11.70 11.80
C GLN A 55 -9.52 -13.12 11.26
N ALA A 56 -8.55 -13.96 11.62
CA ALA A 56 -8.57 -15.35 11.17
C ALA A 56 -9.33 -16.27 12.10
N LEU A 57 -9.34 -15.99 13.40
CA LEU A 57 -9.99 -16.88 14.36
C LEU A 57 -11.49 -16.62 14.44
N GLN A 58 -11.90 -15.35 14.46
CA GLN A 58 -13.30 -14.98 14.61
C GLN A 58 -13.63 -13.91 13.57
N PRO A 59 -13.63 -14.28 12.28
CA PRO A 59 -13.95 -13.29 11.25
C PRO A 59 -15.40 -12.85 11.30
N LYS A 60 -16.27 -13.67 11.88
CA LYS A 60 -17.65 -13.33 12.18
C LYS A 60 -17.99 -13.95 13.52
N PRO A 61 -19.06 -13.48 14.18
CA PRO A 61 -19.40 -14.02 15.50
C PRO A 61 -19.55 -15.53 15.52
N GLY A 62 -19.46 -16.12 16.72
CA GLY A 62 -19.50 -17.54 16.90
C GLY A 62 -18.15 -18.11 17.28
N PRO A 63 -17.96 -19.41 17.11
CA PRO A 63 -16.76 -20.07 17.63
C PRO A 63 -15.52 -19.69 16.83
N TYR A 64 -14.36 -20.01 17.40
CA TYR A 64 -13.09 -19.64 16.80
C TYR A 64 -12.70 -20.62 15.70
N GLN A 65 -11.81 -20.16 14.82
CA GLN A 65 -11.36 -20.93 13.66
C GLN A 65 -9.93 -21.38 13.92
N TRP A 66 -9.79 -22.46 14.70
CA TRP A 66 -8.48 -22.93 15.11
C TRP A 66 -7.85 -23.90 14.12
N GLY A 67 -8.56 -24.27 13.06
CA GLY A 67 -8.13 -25.29 12.13
C GLY A 67 -6.70 -25.14 11.64
N PRO A 68 -6.42 -24.05 10.92
CA PRO A 68 -5.05 -23.88 10.38
C PRO A 68 -4.00 -23.74 11.46
N ALA A 69 -4.28 -22.95 12.50
CA ALA A 69 -3.35 -22.82 13.61
C ALA A 69 -3.12 -24.16 14.30
N ASP A 70 -4.19 -24.94 14.53
CA ASP A 70 -4.03 -26.25 15.15
C ASP A 70 -3.16 -27.16 14.30
N GLU A 71 -3.37 -27.14 12.98
CA GLU A 71 -2.57 -27.96 12.08
C GLU A 71 -1.09 -27.59 12.16
N MET A 72 -0.78 -26.32 11.95
CA MET A 72 0.63 -25.91 11.95
C MET A 72 1.27 -26.09 13.31
N PHE A 73 0.51 -25.94 14.39
CA PHE A 73 1.12 -26.03 15.71
C PHE A 73 1.28 -27.47 16.14
N ALA A 74 0.40 -28.38 15.67
CA ALA A 74 0.67 -29.80 15.82
C ALA A 74 1.96 -30.17 15.10
N TRP A 75 2.16 -29.63 13.89
CA TRP A 75 3.43 -29.85 13.20
C TRP A 75 4.60 -29.32 14.04
N ALA A 76 4.44 -28.12 14.60
CA ALA A 76 5.50 -27.54 15.42
C ALA A 76 5.81 -28.41 16.63
N ARG A 77 4.78 -28.99 17.24
CA ARG A 77 5.01 -29.82 18.42
C ARG A 77 5.70 -31.13 18.05
N LYS A 78 5.39 -31.69 16.87
CA LYS A 78 6.05 -32.92 16.49
C LYS A 78 7.47 -32.70 15.98
N GLU A 79 7.83 -31.47 15.65
CA GLU A 79 9.21 -31.12 15.32
C GLU A 79 9.93 -30.41 16.45
N GLY A 80 9.37 -30.40 17.65
CA GLY A 80 10.03 -29.83 18.81
C GLY A 80 10.36 -28.35 18.68
N MET A 81 9.35 -27.54 18.41
CA MET A 81 9.52 -26.11 18.22
C MET A 81 8.61 -25.34 19.19
N ALA A 82 9.19 -24.36 19.87
CA ALA A 82 8.40 -23.47 20.71
C ALA A 82 7.52 -22.58 19.85
N ILE A 83 6.41 -22.12 20.43
CA ILE A 83 5.35 -21.45 19.68
C ILE A 83 5.07 -20.10 20.31
N ARG A 84 5.01 -19.06 19.48
CA ARG A 84 4.55 -17.74 19.89
C ARG A 84 3.10 -17.54 19.45
N GLY A 85 2.44 -16.58 20.09
CA GLY A 85 1.10 -16.21 19.69
C GLY A 85 1.05 -14.84 19.06
N HIS A 86 0.83 -14.77 17.75
CA HIS A 86 0.81 -13.51 17.03
C HIS A 86 -0.52 -13.39 16.27
N ALA A 87 -1.33 -12.42 16.65
CA ALA A 87 -1.16 -11.51 17.79
C ALA A 87 -2.51 -11.33 18.46
N LEU A 88 -2.52 -10.97 19.75
CA LEU A 88 -3.78 -10.91 20.47
C LEU A 88 -4.66 -9.77 19.97
N ILE A 89 -4.14 -8.55 19.94
CA ILE A 89 -4.87 -7.40 19.42
C ILE A 89 -4.00 -6.65 18.43
N TRP A 90 -4.58 -6.36 17.26
CA TRP A 90 -3.96 -5.50 16.25
C TRP A 90 -4.82 -4.25 16.17
N GLN A 91 -4.26 -3.12 16.63
CA GLN A 91 -5.10 -2.01 17.09
C GLN A 91 -5.90 -1.37 15.97
N ASP A 92 -5.32 -1.22 14.78
CA ASP A 92 -6.01 -0.50 13.72
C ASP A 92 -7.30 -1.21 13.32
N PRO A 93 -8.40 -0.48 13.14
CA PRO A 93 -9.66 -1.12 12.75
C PRO A 93 -9.56 -1.93 11.47
N LYS A 94 -8.60 -1.64 10.61
CA LYS A 94 -8.40 -2.45 9.41
C LYS A 94 -7.88 -3.84 9.73
N TRP A 95 -7.50 -4.10 10.99
CA TRP A 95 -7.01 -5.39 11.41
C TRP A 95 -7.92 -6.08 12.43
N LEU A 96 -9.00 -5.42 12.88
CA LEU A 96 -10.01 -6.06 13.71
C LEU A 96 -11.13 -6.64 12.84
N PRO A 97 -11.84 -7.64 13.34
CA PRO A 97 -12.99 -8.17 12.60
C PRO A 97 -14.05 -7.11 12.38
N ALA A 98 -14.74 -7.22 11.24
CA ALA A 98 -15.75 -6.23 10.87
C ALA A 98 -16.82 -6.08 11.94
N TRP A 99 -17.27 -7.20 12.52
CA TRP A 99 -18.30 -7.12 13.55
C TRP A 99 -17.75 -6.48 14.82
N VAL A 100 -16.45 -6.60 15.08
CA VAL A 100 -15.87 -5.95 16.25
C VAL A 100 -15.84 -4.44 16.02
N ASN A 101 -15.46 -4.01 14.82
CA ASN A 101 -15.43 -2.59 14.51
C ASN A 101 -16.83 -1.99 14.44
N ALA A 102 -17.85 -2.81 14.20
CA ALA A 102 -19.23 -2.37 14.15
C ALA A 102 -19.93 -2.42 15.50
N LEU A 103 -19.22 -2.77 16.57
CA LEU A 103 -19.84 -2.85 17.88
C LEU A 103 -20.24 -1.47 18.40
N ASP A 104 -21.34 -1.45 19.16
CA ASP A 104 -21.86 -0.22 19.77
C ASP A 104 -21.48 -0.25 21.25
N LEU A 105 -20.25 0.19 21.53
CA LEU A 105 -19.72 0.14 22.89
C LEU A 105 -20.01 1.40 23.70
N LYS A 106 -20.14 2.55 23.05
CA LYS A 106 -20.35 3.80 23.78
C LYS A 106 -21.69 3.82 24.51
N SER A 107 -22.67 3.03 24.04
CA SER A 107 -23.95 2.92 24.71
C SER A 107 -23.91 2.05 25.97
N LYS A 108 -22.83 1.31 26.18
CA LYS A 108 -22.73 0.38 27.29
C LYS A 108 -21.58 0.81 28.21
N PRO A 109 -21.54 0.30 29.44
CA PRO A 109 -20.42 0.64 30.33
C PRO A 109 -19.10 0.16 29.77
N VAL A 110 -18.01 0.73 30.31
CA VAL A 110 -16.67 0.29 29.95
C VAL A 110 -16.47 -1.16 30.37
N ALA A 111 -17.19 -1.61 31.41
CA ALA A 111 -17.09 -3.01 31.82
C ALA A 111 -17.52 -3.94 30.69
N HIS A 112 -18.36 -3.47 29.77
CA HIS A 112 -18.78 -4.29 28.64
C HIS A 112 -17.63 -4.53 27.67
N ALA A 113 -16.94 -3.46 27.26
CA ALA A 113 -15.76 -3.61 26.42
C ALA A 113 -14.69 -4.45 27.11
N GLU A 114 -14.53 -4.25 28.43
CA GLU A 114 -13.60 -5.07 29.18
C GLU A 114 -14.00 -6.54 29.11
N ALA A 115 -15.30 -6.83 29.20
CA ALA A 115 -15.77 -8.20 29.09
C ALA A 115 -15.44 -8.80 27.73
N ILE A 116 -15.63 -8.01 26.67
CA ILE A 116 -15.33 -8.52 25.32
C ILE A 116 -13.85 -8.86 25.21
N LEU A 117 -12.98 -7.93 25.63
CA LEU A 117 -11.55 -8.16 25.52
C LEU A 117 -11.10 -9.32 26.40
N ARG A 118 -11.69 -9.45 27.59
CA ARG A 118 -11.39 -10.57 28.46
C ARG A 118 -11.78 -11.88 27.81
N GLU A 119 -12.99 -11.96 27.24
CA GLU A 119 -13.39 -13.17 26.53
C GLU A 119 -12.36 -13.55 25.47
N HIS A 120 -11.99 -12.60 24.62
CA HIS A 120 -11.01 -12.90 23.57
C HIS A 120 -9.70 -13.40 24.16
N ALA A 121 -9.14 -12.65 25.12
CA ALA A 121 -7.85 -13.01 25.70
C ALA A 121 -7.89 -14.37 26.38
N LYS A 122 -8.95 -14.64 27.14
CA LYS A 122 -9.08 -15.90 27.85
C LYS A 122 -9.15 -17.07 26.87
N THR A 123 -10.00 -16.95 25.84
CA THR A 123 -10.09 -17.98 24.82
C THR A 123 -8.72 -18.27 24.20
N VAL A 124 -8.05 -17.21 23.71
CA VAL A 124 -6.80 -17.39 22.98
C VAL A 124 -5.72 -17.96 23.90
N CYS A 125 -5.67 -17.51 25.15
CA CYS A 125 -4.56 -17.90 26.01
C CYS A 125 -4.76 -19.29 26.61
N THR A 126 -5.99 -19.67 26.96
CA THR A 126 -6.18 -21.01 27.49
C THR A 126 -6.21 -22.06 26.39
N HIS A 127 -6.52 -21.68 25.15
CA HIS A 127 -6.35 -22.65 24.07
C HIS A 127 -4.87 -22.85 23.74
N LEU A 128 -4.09 -21.79 23.83
CA LEU A 128 -2.65 -21.84 23.54
C LEU A 128 -1.85 -21.80 24.83
N LYS A 129 -2.03 -22.82 25.66
CA LYS A 129 -1.48 -22.79 27.01
C LYS A 129 0.00 -23.16 27.07
N ASP A 130 0.55 -23.76 26.01
CA ASP A 130 1.98 -24.07 25.96
C ASP A 130 2.80 -22.97 25.29
N VAL A 131 2.17 -21.89 24.85
CA VAL A 131 2.88 -20.83 24.15
C VAL A 131 3.82 -20.10 25.10
N ILE A 132 5.04 -19.82 24.63
CA ILE A 132 6.05 -19.21 25.48
C ILE A 132 5.97 -17.67 25.47
N SER A 133 5.48 -17.06 24.40
CA SER A 133 5.47 -15.62 24.28
C SER A 133 4.28 -15.17 23.45
N HIS A 134 3.56 -14.17 23.94
CA HIS A 134 2.39 -13.61 23.25
C HIS A 134 2.68 -12.17 22.85
N ASP A 135 2.37 -11.82 21.60
CA ASP A 135 2.25 -10.43 21.15
C ASP A 135 0.89 -9.93 21.60
N VAL A 136 0.84 -9.29 22.76
CA VAL A 136 -0.45 -8.89 23.32
C VAL A 136 -1.10 -7.81 22.48
N VAL A 137 -0.38 -6.71 22.24
CA VAL A 137 -0.86 -5.61 21.41
C VAL A 137 0.13 -5.43 20.27
N ASN A 138 -0.40 -5.31 19.04
CA ASN A 138 0.43 -5.16 17.85
C ASN A 138 0.18 -3.81 17.22
N GLU A 139 1.26 -3.05 17.00
CA GLU A 139 1.22 -1.80 16.25
C GLU A 139 0.15 -0.84 16.77
N ALA A 140 0.42 -0.20 17.90
CA ALA A 140 -0.54 0.71 18.52
C ALA A 140 -0.08 2.16 18.46
N VAL A 141 0.99 2.45 17.73
CA VAL A 141 1.57 3.78 17.68
C VAL A 141 1.73 4.19 16.23
N SER A 142 1.22 5.36 15.88
CA SER A 142 1.23 5.82 14.50
C SER A 142 2.66 6.07 14.04
N PRO A 143 3.11 5.46 12.93
CA PRO A 143 4.43 5.76 12.39
C PRO A 143 4.57 7.15 11.80
N LYS A 144 3.50 7.95 11.79
CA LYS A 144 3.56 9.30 11.26
C LYS A 144 3.87 10.35 12.33
N ASP A 145 3.22 10.26 13.50
CA ASP A 145 3.43 11.28 14.52
C ASP A 145 3.55 10.70 15.93
N GLY A 146 3.66 9.38 16.08
CA GLY A 146 3.79 8.79 17.38
C GLY A 146 2.53 8.74 18.21
N SER A 147 1.41 9.24 17.69
CA SER A 147 0.15 9.14 18.40
C SER A 147 -0.32 7.69 18.43
N LEU A 148 -1.23 7.40 19.37
CA LEU A 148 -1.77 6.07 19.51
C LEU A 148 -2.90 5.82 18.52
N ILE A 149 -2.82 4.70 17.81
CA ILE A 149 -3.86 4.33 16.86
C ILE A 149 -5.15 4.02 17.59
N GLN A 150 -6.26 4.53 17.09
CA GLN A 150 -7.56 4.44 17.75
C GLN A 150 -8.41 3.34 17.12
N ASN A 151 -9.25 2.72 17.95
CA ASN A 151 -10.25 1.78 17.48
C ASN A 151 -11.47 1.87 18.40
N VAL A 152 -12.46 1.01 18.14
CA VAL A 152 -13.72 1.05 18.88
C VAL A 152 -13.51 0.76 20.37
N PHE A 153 -12.38 0.15 20.74
CA PHE A 153 -12.10 -0.13 22.14
C PHE A 153 -11.42 1.05 22.81
N THR A 154 -10.41 1.63 22.16
CA THR A 154 -9.73 2.78 22.73
C THR A 154 -10.62 4.02 22.75
N LYS A 155 -11.50 4.16 21.76
CA LYS A 155 -12.45 5.28 21.79
C LYS A 155 -13.36 5.20 22.99
N ARG A 156 -13.59 4.00 23.53
CA ARG A 156 -14.50 3.81 24.65
C ARG A 156 -13.76 3.84 25.99
N MET A 157 -12.61 3.20 26.08
CA MET A 157 -11.89 3.08 27.35
C MET A 157 -10.73 4.05 27.48
N GLY A 158 -10.17 4.53 26.36
CA GLY A 158 -8.88 5.18 26.38
C GLY A 158 -7.81 4.23 25.88
N ALA A 159 -6.85 4.74 25.11
CA ALA A 159 -5.86 3.86 24.47
C ALA A 159 -4.98 3.16 25.50
N VAL A 160 -4.37 3.92 26.39
CA VAL A 160 -3.48 3.33 27.38
C VAL A 160 -4.26 2.42 28.32
N GLU A 161 -5.51 2.79 28.63
CA GLU A 161 -6.36 1.93 29.43
C GLU A 161 -6.58 0.59 28.73
N GLN A 162 -6.86 0.63 27.43
CA GLN A 162 -7.14 -0.60 26.69
C GLN A 162 -5.89 -1.48 26.59
N ILE A 163 -4.72 -0.88 26.38
CA ILE A 163 -3.51 -1.67 26.23
C ILE A 163 -3.11 -2.28 27.56
N GLU A 164 -3.11 -1.48 28.63
CA GLU A 164 -2.87 -2.00 29.97
C GLU A 164 -3.81 -3.16 30.30
N PHE A 165 -5.10 -2.98 30.02
CA PHE A 165 -6.07 -4.02 30.33
C PHE A 165 -5.81 -5.30 29.53
N ALA A 166 -5.50 -5.16 28.23
CA ALA A 166 -5.16 -6.32 27.44
C ALA A 166 -3.97 -7.07 28.04
N PHE A 167 -2.94 -6.32 28.46
CA PHE A 167 -1.78 -6.97 29.04
C PHE A 167 -2.13 -7.69 30.35
N ARG A 168 -3.02 -7.09 31.15
CA ARG A 168 -3.39 -7.73 32.41
C ARG A 168 -4.17 -9.01 32.16
N GLN A 169 -5.08 -9.00 31.19
CA GLN A 169 -5.82 -10.22 30.86
C GLN A 169 -4.90 -11.31 30.32
N ALA A 170 -3.98 -10.94 29.42
CA ALA A 170 -3.02 -11.92 28.91
C ALA A 170 -2.19 -12.51 30.05
N HIS A 171 -1.77 -11.66 31.00
CA HIS A 171 -1.01 -12.17 32.15
C HIS A 171 -1.86 -13.09 33.01
N GLU A 172 -3.16 -12.79 33.13
CA GLU A 172 -4.02 -13.59 33.98
C GLU A 172 -4.26 -14.97 33.38
N HIS A 173 -4.45 -15.05 32.07
CA HIS A 173 -4.80 -16.31 31.43
C HIS A 173 -3.60 -17.01 30.81
N ALA A 174 -2.43 -16.38 30.81
CA ALA A 174 -1.19 -16.99 30.34
C ALA A 174 -0.07 -16.56 31.28
N PRO A 175 -0.09 -17.04 32.52
CA PRO A 175 0.81 -16.47 33.55
C PRO A 175 2.25 -16.85 33.34
N LYS A 176 2.54 -17.87 32.55
CA LYS A 176 3.91 -18.28 32.26
C LYS A 176 4.45 -17.67 30.98
N ALA A 177 3.67 -16.82 30.31
CA ALA A 177 4.02 -16.35 28.99
C ALA A 177 4.70 -14.99 29.05
N GLN A 178 5.73 -14.81 28.22
CA GLN A 178 6.34 -13.50 28.05
C GLN A 178 5.40 -12.63 27.24
N LEU A 179 4.99 -11.52 27.81
CA LEU A 179 4.05 -10.60 27.15
C LEU A 179 4.84 -9.50 26.45
N VAL A 180 4.55 -9.31 25.17
CA VAL A 180 5.35 -8.47 24.29
C VAL A 180 4.45 -7.44 23.64
N TYR A 181 4.94 -6.22 23.54
CA TYR A 181 4.35 -5.23 22.64
C TYR A 181 5.16 -5.21 21.35
N ASN A 182 4.52 -5.51 20.23
CA ASN A 182 5.19 -5.76 18.95
C ASN A 182 4.91 -4.63 17.98
N ASP A 183 5.96 -4.06 17.39
CA ASP A 183 5.78 -2.95 16.47
C ASP A 183 7.08 -2.74 15.68
N PHE A 184 6.96 -2.02 14.56
CA PHE A 184 8.04 -1.94 13.58
C PHE A 184 8.84 -0.63 13.65
N MET A 185 8.86 0.04 14.80
CA MET A 185 9.71 1.21 14.95
C MET A 185 11.17 0.81 14.78
N GLY A 186 11.98 1.75 14.29
CA GLY A 186 13.37 1.49 14.04
C GLY A 186 14.21 2.74 13.85
N PRO A 187 15.46 2.55 13.42
CA PRO A 187 16.36 3.70 13.26
C PRO A 187 15.90 4.63 12.14
N GLY A 188 16.07 5.92 12.37
CA GLY A 188 15.63 6.92 11.42
C GLY A 188 15.44 8.26 12.09
N LEU A 189 15.36 9.33 11.28
CA LEU A 189 15.40 10.71 11.85
C LEU A 189 14.05 11.44 11.86
N GLY A 190 13.12 11.10 10.97
CA GLY A 190 11.89 11.90 10.93
C GLY A 190 10.74 11.24 11.63
N ASP A 191 9.81 10.71 10.86
CA ASP A 191 8.64 10.03 11.44
C ASP A 191 9.12 8.75 12.10
N ARG A 192 10.29 8.21 11.69
CA ARG A 192 10.81 7.08 12.44
C ARG A 192 11.13 7.48 13.88
N ALA A 193 11.69 8.69 14.07
CA ALA A 193 11.98 9.17 15.41
C ALA A 193 10.70 9.44 16.19
N LYS A 194 9.68 9.98 15.55
CA LYS A 194 8.42 10.21 16.24
C LYS A 194 7.77 8.90 16.64
N HIS A 195 7.87 7.88 15.79
CA HIS A 195 7.39 6.55 16.13
C HIS A 195 8.12 6.01 17.35
N ARG A 196 9.45 6.10 17.35
CA ARG A 196 10.23 5.64 18.49
C ARG A 196 9.85 6.37 19.77
N ALA A 197 9.64 7.69 19.69
CA ALA A 197 9.31 8.45 20.88
C ALA A 197 7.94 8.09 21.41
N GLY A 198 6.95 7.95 20.53
CA GLY A 198 5.62 7.55 20.98
C GLY A 198 5.63 6.16 21.60
N VAL A 199 6.43 5.25 21.04
CA VAL A 199 6.52 3.91 21.60
C VAL A 199 7.21 3.93 22.96
N LEU A 200 8.27 4.74 23.09
CA LEU A 200 8.90 4.94 24.39
C LEU A 200 7.89 5.45 25.41
N LYS A 201 7.05 6.41 25.00
CA LYS A 201 6.04 6.95 25.91
C LYS A 201 5.06 5.86 26.34
N LEU A 202 4.60 5.05 25.38
CA LEU A 202 3.66 3.98 25.73
C LEU A 202 4.29 3.01 26.72
N LEU A 203 5.54 2.61 26.47
CA LEU A 203 6.22 1.66 27.35
C LEU A 203 6.44 2.27 28.73
N ALA A 204 6.84 3.55 28.78
CA ALA A 204 7.06 4.21 30.06
C ALA A 204 5.78 4.27 30.88
N GLU A 205 4.67 4.66 30.26
CA GLU A 205 3.41 4.73 30.99
C GLU A 205 2.94 3.34 31.41
N LEU A 206 3.19 2.33 30.57
CA LEU A 206 2.77 0.97 30.92
C LEU A 206 3.53 0.44 32.11
N LYS A 207 4.86 0.65 32.16
CA LYS A 207 5.61 0.25 33.34
C LYS A 207 5.24 1.10 34.55
N LYS A 208 4.90 2.37 34.33
CA LYS A 208 4.54 3.25 35.45
C LYS A 208 3.25 2.77 36.12
N ARG A 209 2.28 2.30 35.34
CA ARG A 209 1.01 1.88 35.91
C ARG A 209 1.05 0.49 36.55
N GLY A 210 2.19 -0.20 36.48
CA GLY A 210 2.25 -1.55 37.01
C GLY A 210 1.77 -2.63 36.06
N ALA A 211 1.64 -2.32 34.77
CA ALA A 211 1.11 -3.28 33.81
C ALA A 211 2.13 -4.38 33.54
N PRO A 212 1.69 -5.64 33.43
CA PRO A 212 2.61 -6.77 33.22
C PRO A 212 3.06 -6.95 31.77
N ILE A 213 3.86 -5.99 31.29
CA ILE A 213 4.52 -6.11 29.99
C ILE A 213 5.95 -6.56 30.23
N HIS A 214 6.38 -7.59 29.51
CA HIS A 214 7.70 -8.13 29.73
C HIS A 214 8.71 -7.78 28.65
N ALA A 215 8.28 -7.44 27.44
CA ALA A 215 9.26 -7.21 26.39
C ALA A 215 8.70 -6.38 25.25
N LEU A 216 9.63 -5.80 24.50
CA LEU A 216 9.35 -5.09 23.26
C LEU A 216 9.79 -5.95 22.07
N GLY A 217 8.92 -6.05 21.07
CA GLY A 217 9.21 -6.78 19.85
C GLY A 217 9.53 -5.89 18.67
N LEU A 218 10.81 -5.84 18.32
CA LEU A 218 11.30 -5.14 17.14
C LEU A 218 11.03 -6.01 15.91
N GLN A 219 10.01 -5.64 15.13
CA GLN A 219 9.71 -6.40 13.93
C GLN A 219 10.93 -6.47 13.01
N SER A 220 11.71 -5.40 12.95
CA SER A 220 12.99 -5.38 12.24
C SER A 220 12.82 -5.68 10.75
N HIS A 221 11.89 -4.94 10.12
CA HIS A 221 11.76 -4.97 8.66
C HIS A 221 12.65 -3.87 8.11
N ILE A 222 13.94 -4.17 8.06
CA ILE A 222 14.95 -3.14 7.80
C ILE A 222 15.10 -2.93 6.30
N SER A 223 15.62 -1.75 5.95
CA SER A 223 15.89 -1.39 4.57
C SER A 223 17.16 -0.54 4.56
N ALA A 224 17.44 0.11 3.42
CA ALA A 224 18.68 0.84 3.28
C ALA A 224 18.72 2.09 4.14
N GLY A 225 17.56 2.60 4.56
CA GLY A 225 17.52 3.71 5.50
C GLY A 225 17.76 3.36 6.94
N ASP A 226 18.02 2.08 7.23
CA ASP A 226 18.41 1.64 8.55
C ASP A 226 19.92 1.38 8.67
N MET A 227 20.70 1.82 7.69
CA MET A 227 22.15 1.66 7.76
C MET A 227 22.70 2.49 8.92
N MET A 228 23.60 1.90 9.70
CA MET A 228 24.08 2.54 10.91
C MET A 228 25.59 2.73 11.01
N SER A 229 26.39 1.96 10.27
CA SER A 229 27.83 2.13 10.33
C SER A 229 28.29 3.18 9.33
N GLY A 230 29.39 3.85 9.65
CA GLY A 230 29.89 4.93 8.83
C GLY A 230 29.58 6.30 9.41
N PRO A 231 30.43 7.28 9.11
CA PRO A 231 30.21 8.65 9.62
C PRO A 231 28.84 9.22 9.27
N ALA A 232 28.36 8.99 8.04
CA ALA A 232 27.06 9.54 7.64
C ALA A 232 25.93 9.02 8.50
N ASN A 233 26.13 7.89 9.19
CA ASN A 233 25.09 7.25 9.98
C ASN A 233 25.34 7.37 11.48
N ALA A 234 26.24 8.25 11.89
CA ALA A 234 26.58 8.38 13.31
C ALA A 234 25.35 8.69 14.16
N ALA A 235 24.58 9.72 13.77
CA ALA A 235 23.44 10.14 14.57
C ALA A 235 22.36 9.07 14.63
N VAL A 236 22.05 8.44 13.50
CA VAL A 236 21.06 7.38 13.46
C VAL A 236 21.42 6.25 14.42
N LEU A 237 22.71 5.86 14.43
CA LEU A 237 23.16 4.78 15.30
C LEU A 237 23.05 5.18 16.75
N ARG A 238 23.56 6.37 17.10
CA ARG A 238 23.47 6.88 18.46
C ARG A 238 22.03 6.85 18.95
N GLU A 239 21.10 7.38 18.14
CA GLU A 239 19.70 7.46 18.56
C GLU A 239 19.06 6.09 18.69
N TRP A 240 19.35 5.16 17.78
CA TRP A 240 18.84 3.80 17.91
C TRP A 240 19.32 3.15 19.20
N ARG A 241 20.62 3.28 19.48
CA ARG A 241 21.17 2.78 20.73
C ARG A 241 20.49 3.43 21.92
N LYS A 242 20.23 4.74 21.86
CA LYS A 242 19.53 5.41 22.95
C LYS A 242 18.14 4.82 23.17
N PHE A 243 17.41 4.58 22.09
CA PHE A 243 16.09 3.95 22.19
C PHE A 243 16.19 2.60 22.92
N LEU A 244 17.06 1.72 22.43
CA LEU A 244 17.20 0.40 23.05
C LEU A 244 17.67 0.52 24.50
N ASP A 245 18.55 1.48 24.78
CA ASP A 245 19.00 1.75 26.14
C ASP A 245 17.83 2.07 27.03
N GLU A 246 16.97 2.99 26.59
CA GLU A 246 15.80 3.37 27.38
C GLU A 246 14.87 2.18 27.60
N VAL A 247 14.65 1.39 26.54
CA VAL A 247 13.75 0.24 26.65
C VAL A 247 14.25 -0.74 27.69
N THR A 248 15.52 -1.15 27.58
CA THR A 248 16.07 -2.09 28.54
C THR A 248 16.29 -1.46 29.91
N GLY A 249 16.35 -0.13 29.99
CA GLY A 249 16.39 0.54 31.28
C GLY A 249 15.07 0.46 32.01
N MET A 250 13.96 0.40 31.29
CA MET A 250 12.66 0.22 31.95
C MET A 250 12.43 -1.21 32.43
N GLY A 251 13.43 -2.09 32.35
CA GLY A 251 13.22 -3.47 32.72
C GLY A 251 12.46 -4.28 31.70
N LEU A 252 12.59 -3.93 30.42
CA LEU A 252 11.92 -4.64 29.34
C LEU A 252 12.95 -5.44 28.56
N ASP A 253 12.63 -6.71 28.29
CA ASP A 253 13.46 -7.51 27.43
C ASP A 253 13.14 -7.20 25.96
N LEU A 254 13.90 -7.80 25.05
CA LEU A 254 13.77 -7.49 23.64
C LEU A 254 13.54 -8.77 22.84
N LEU A 255 12.89 -8.60 21.69
CA LEU A 255 12.81 -9.66 20.69
C LEU A 255 13.02 -9.05 19.32
N ILE A 256 13.65 -9.82 18.43
CA ILE A 256 13.60 -9.58 17.00
C ILE A 256 12.54 -10.52 16.44
N THR A 257 11.43 -9.97 15.98
CA THR A 257 10.22 -10.76 15.78
C THR A 257 9.87 -11.06 14.34
N GLU A 258 10.26 -10.21 13.38
CA GLU A 258 9.79 -10.34 12.00
C GLU A 258 10.90 -9.96 11.02
N PHE A 259 12.09 -10.53 11.18
CA PHE A 259 13.23 -10.04 10.41
C PHE A 259 13.12 -10.37 8.93
N ASP A 260 13.38 -9.38 8.10
CA ASP A 260 13.70 -9.50 6.68
C ASP A 260 14.26 -8.15 6.24
N VAL A 261 14.82 -8.10 5.04
CA VAL A 261 15.58 -6.94 4.57
C VAL A 261 14.97 -6.46 3.25
N ASN A 262 14.39 -5.27 3.26
CA ASN A 262 13.78 -4.69 2.07
C ASN A 262 14.88 -4.28 1.09
N ASP A 263 14.88 -4.89 -0.10
CA ASP A 263 15.97 -4.77 -1.06
C ASP A 263 15.69 -3.77 -2.18
N LYS A 264 14.72 -2.87 -1.99
CA LYS A 264 14.27 -2.04 -3.09
C LYS A 264 15.25 -0.93 -3.47
N ALA A 265 16.22 -0.63 -2.61
CA ALA A 265 17.23 0.39 -2.90
C ALA A 265 18.52 -0.20 -3.45
N PHE A 266 18.55 -1.49 -3.74
CA PHE A 266 19.75 -2.19 -4.15
C PHE A 266 19.64 -2.64 -5.62
N PRO A 267 20.78 -2.85 -6.30
CA PRO A 267 20.75 -3.09 -7.75
C PRO A 267 19.95 -4.32 -8.15
N ALA A 268 19.64 -4.39 -9.45
CA ALA A 268 18.94 -5.55 -10.00
C ALA A 268 19.78 -6.81 -9.96
N ASP A 269 21.10 -6.68 -10.09
CA ASP A 269 21.98 -7.84 -10.09
C ASP A 269 21.81 -8.65 -8.81
N PHE A 270 21.55 -9.95 -8.97
CA PHE A 270 21.27 -10.80 -7.82
C PHE A 270 22.46 -10.82 -6.86
N ALA A 271 23.68 -10.85 -7.38
CA ALA A 271 24.87 -10.94 -6.53
C ALA A 271 25.10 -9.65 -5.76
N LYS A 272 25.04 -8.51 -6.45
CA LYS A 272 25.21 -7.22 -5.77
C LYS A 272 24.12 -7.03 -4.72
N ARG A 273 22.89 -7.41 -5.04
CA ARG A 273 21.78 -7.26 -4.10
C ARG A 273 21.96 -8.16 -2.89
N ASP A 274 22.42 -9.40 -3.12
CA ASP A 274 22.66 -10.30 -1.99
C ASP A 274 23.76 -9.74 -1.10
N ALA A 275 24.81 -9.18 -1.70
CA ALA A 275 25.88 -8.59 -0.91
C ALA A 275 25.39 -7.39 -0.10
N ALA A 276 24.52 -6.57 -0.70
CA ALA A 276 24.04 -5.38 0.00
C ALA A 276 23.12 -5.76 1.15
N THR A 277 22.22 -6.72 0.92
CA THR A 277 21.37 -7.20 2.01
C THR A 277 22.18 -7.87 3.10
N ALA A 278 23.27 -8.55 2.74
CA ALA A 278 24.10 -9.20 3.73
C ALA A 278 24.82 -8.19 4.61
N ALA A 279 25.44 -7.17 3.99
CA ALA A 279 26.12 -6.14 4.77
C ALA A 279 25.14 -5.36 5.65
N LEU A 280 23.95 -5.06 5.12
CA LEU A 280 22.96 -4.34 5.91
C LEU A 280 22.47 -5.16 7.09
N ALA A 281 22.19 -6.45 6.86
CA ALA A 281 21.83 -7.34 7.95
C ALA A 281 22.92 -7.40 9.00
N ARG A 282 24.18 -7.51 8.56
CA ARG A 282 25.30 -7.59 9.50
C ARG A 282 25.37 -6.34 10.37
N ASP A 283 25.31 -5.15 9.74
CA ASP A 283 25.35 -3.90 10.50
C ASP A 283 24.22 -3.82 11.52
N TYR A 284 22.98 -3.99 11.05
CA TYR A 284 21.83 -3.82 11.93
C TYR A 284 21.85 -4.84 13.06
N LEU A 285 22.19 -6.09 12.74
CA LEU A 285 22.16 -7.13 13.76
C LEU A 285 23.31 -6.96 14.74
N ASP A 286 24.48 -6.51 14.27
CA ASP A 286 25.57 -6.22 15.19
C ASP A 286 25.16 -5.18 16.21
N VAL A 287 24.44 -4.13 15.76
CA VAL A 287 24.03 -3.09 16.72
C VAL A 287 22.97 -3.63 17.67
N THR A 288 21.90 -4.22 17.11
CA THR A 288 20.75 -4.58 17.94
C THR A 288 21.02 -5.78 18.84
N LEU A 289 21.85 -6.73 18.40
CA LEU A 289 22.07 -7.96 19.16
C LEU A 289 23.08 -7.82 20.28
N SER A 290 23.77 -6.68 20.40
CA SER A 290 24.67 -6.46 21.51
C SER A 290 23.94 -6.16 22.82
N TYR A 291 22.63 -6.34 22.86
CA TYR A 291 21.87 -6.20 24.08
C TYR A 291 21.54 -7.58 24.61
N PRO A 292 22.17 -8.03 25.70
CA PRO A 292 22.00 -9.42 26.15
C PRO A 292 20.59 -9.75 26.60
N THR A 293 19.69 -8.78 26.65
CA THR A 293 18.29 -9.02 27.02
C THR A 293 17.43 -9.37 25.82
N CYS A 294 17.99 -9.40 24.62
CA CYS A 294 17.29 -9.82 23.41
C CYS A 294 17.47 -11.32 23.26
N ARG A 295 16.55 -12.08 23.83
CA ARG A 295 16.67 -13.54 23.88
C ARG A 295 15.95 -14.25 22.73
N ASP A 296 15.31 -13.52 21.81
CA ASP A 296 14.57 -14.17 20.74
C ASP A 296 14.84 -13.48 19.40
N PHE A 297 14.91 -14.28 18.35
CA PHE A 297 15.19 -13.83 16.99
C PHE A 297 14.36 -14.68 16.04
N LEU A 298 13.50 -14.04 15.24
CA LEU A 298 12.65 -14.75 14.30
C LEU A 298 12.70 -14.08 12.93
N LEU A 299 12.66 -14.90 11.88
CA LEU A 299 12.57 -14.44 10.51
C LEU A 299 11.12 -14.48 10.05
N TRP A 300 10.67 -13.40 9.40
CA TRP A 300 9.32 -13.38 8.82
C TRP A 300 9.32 -14.15 7.50
N GLY A 301 9.48 -15.47 7.63
CA GLY A 301 9.73 -16.32 6.49
C GLY A 301 11.22 -16.37 6.18
N MET A 302 11.71 -17.54 5.79
CA MET A 302 13.14 -17.72 5.56
C MET A 302 13.46 -18.04 4.10
N ALA A 303 12.49 -17.99 3.21
CA ALA A 303 12.71 -18.16 1.78
C ALA A 303 12.10 -16.98 1.05
N ASP A 304 12.80 -16.50 0.01
CA ASP A 304 12.40 -15.25 -0.64
C ASP A 304 10.99 -15.31 -1.18
N HIS A 305 10.61 -16.41 -1.82
CA HIS A 305 9.34 -16.46 -2.54
C HIS A 305 8.14 -16.49 -1.62
N VAL A 306 8.32 -16.84 -0.34
CA VAL A 306 7.20 -16.87 0.60
C VAL A 306 7.11 -15.60 1.44
N ASN A 307 8.01 -14.66 1.25
CA ASN A 307 8.04 -13.47 2.07
C ASN A 307 6.97 -12.46 1.63
N TRP A 308 6.36 -11.81 2.61
CA TRP A 308 5.26 -10.87 2.34
C TRP A 308 5.70 -9.68 1.49
N LEU A 309 7.00 -9.35 1.48
CA LEU A 309 7.44 -8.20 0.70
C LEU A 309 7.29 -8.40 -0.79
N GLN A 310 7.04 -9.63 -1.24
CA GLN A 310 6.86 -9.88 -2.67
C GLN A 310 5.55 -9.32 -3.21
N VAL A 311 4.54 -9.13 -2.36
CA VAL A 311 3.21 -8.76 -2.83
C VAL A 311 2.71 -7.47 -2.17
N TRP A 312 3.20 -7.17 -0.97
CA TRP A 312 2.84 -5.93 -0.29
C TRP A 312 3.19 -4.75 -1.19
N PRO A 313 2.22 -3.92 -1.58
CA PRO A 313 2.45 -3.00 -2.71
C PRO A 313 3.47 -1.91 -2.44
N ASP A 314 3.58 -1.43 -1.21
CA ASP A 314 4.50 -0.33 -0.94
C ASP A 314 5.95 -0.73 -1.14
N ALA A 315 6.23 -2.01 -1.42
CA ALA A 315 7.60 -2.51 -1.51
C ALA A 315 7.93 -3.09 -2.88
N LYS A 316 7.04 -2.92 -3.86
CA LYS A 316 7.36 -3.37 -5.22
C LYS A 316 8.55 -2.58 -5.77
N ARG A 317 9.39 -3.26 -6.53
CA ARG A 317 10.60 -2.65 -7.07
C ARG A 317 10.31 -1.95 -8.39
N PRO A 318 11.05 -0.88 -8.70
CA PRO A 318 10.81 -0.18 -9.98
C PRO A 318 11.00 -1.07 -11.19
N ASP A 319 12.03 -1.92 -11.19
CA ASP A 319 12.07 -3.01 -12.15
C ASP A 319 11.13 -4.12 -11.70
N GLY A 320 10.73 -4.97 -12.63
CA GLY A 320 9.73 -5.97 -12.31
C GLY A 320 10.24 -7.08 -11.41
N LEU A 321 11.46 -6.94 -10.92
CA LEU A 321 12.13 -8.06 -10.28
C LEU A 321 11.58 -8.33 -8.89
N ALA A 322 11.60 -9.60 -8.50
CA ALA A 322 11.17 -10.03 -7.18
C ALA A 322 12.21 -9.68 -6.14
N GLN A 323 11.73 -9.36 -4.93
CA GLN A 323 12.63 -9.09 -3.82
C GLN A 323 13.37 -10.35 -3.40
N ARG A 324 14.58 -10.16 -2.85
CA ARG A 324 15.40 -11.24 -2.30
C ARG A 324 15.69 -10.92 -0.83
N PRO A 325 14.67 -10.91 0.03
CA PRO A 325 14.81 -10.33 1.38
C PRO A 325 15.10 -11.30 2.52
N THR A 326 15.24 -12.61 2.26
CA THR A 326 15.44 -13.58 3.34
C THR A 326 16.77 -14.31 3.16
N PRO A 327 17.23 -15.09 4.15
CA PRO A 327 18.52 -15.78 4.01
C PRO A 327 18.54 -16.96 3.04
N TYR A 328 17.41 -17.36 2.46
CA TYR A 328 17.39 -18.44 1.48
C TYR A 328 16.64 -18.00 0.24
N ASP A 329 17.09 -18.47 -0.92
CA ASP A 329 16.47 -18.08 -2.18
C ASP A 329 15.27 -18.97 -2.48
N SER A 330 14.64 -18.72 -3.63
CA SER A 330 13.44 -19.46 -4.01
C SER A 330 13.70 -20.94 -4.20
N GLN A 331 14.96 -21.35 -4.41
CA GLN A 331 15.31 -22.76 -4.51
C GLN A 331 15.76 -23.35 -3.18
N LEU A 332 15.53 -22.63 -2.07
CA LEU A 332 15.90 -23.08 -0.73
C LEU A 332 17.40 -23.28 -0.59
N ARG A 333 18.19 -22.45 -1.28
CA ARG A 333 19.64 -22.40 -1.18
C ARG A 333 20.07 -21.25 -0.29
N PRO A 334 21.06 -21.46 0.58
CA PRO A 334 21.50 -20.37 1.46
C PRO A 334 22.15 -19.25 0.68
N LYS A 335 21.83 -18.02 1.06
CA LYS A 335 22.37 -16.81 0.47
C LYS A 335 23.43 -16.19 1.39
N PRO A 336 24.21 -15.23 0.87
CA PRO A 336 25.20 -14.56 1.75
C PRO A 336 24.60 -13.90 2.98
N MET A 337 23.31 -13.54 2.97
CA MET A 337 22.72 -12.94 4.16
C MET A 337 22.63 -13.95 5.30
N ARG A 338 22.41 -15.23 4.99
CA ARG A 338 22.47 -16.26 6.01
C ARG A 338 23.86 -16.30 6.65
N GLU A 339 24.90 -16.16 5.82
CA GLU A 339 26.26 -16.10 6.33
C GLU A 339 26.46 -14.90 7.25
N ALA A 340 25.93 -13.73 6.85
CA ALA A 340 26.02 -12.54 7.70
C ALA A 340 25.33 -12.78 9.04
N ILE A 341 24.15 -13.39 9.01
CA ILE A 341 23.42 -13.67 10.25
C ILE A 341 24.19 -14.65 11.12
N ALA A 342 24.76 -15.70 10.51
CA ALA A 342 25.58 -16.65 11.27
C ALA A 342 26.76 -15.96 11.94
N ALA A 343 27.39 -15.03 11.22
CA ALA A 343 28.50 -14.27 11.80
C ALA A 343 28.02 -13.43 12.98
N SER A 344 26.91 -12.72 12.80
CA SER A 344 26.38 -11.89 13.88
C SER A 344 26.02 -12.74 15.09
N LEU A 345 25.54 -13.96 14.87
CA LEU A 345 25.25 -14.85 15.99
C LEU A 345 26.52 -15.32 16.67
N ARG A 346 27.59 -15.51 15.89
CA ARG A 346 28.86 -15.93 16.48
C ARG A 346 29.49 -14.83 17.31
N ALA A 347 29.42 -13.59 16.84
CA ALA A 347 30.17 -12.49 17.46
C ALA A 347 29.40 -11.75 18.54
N MET A 348 28.13 -12.09 18.77
CA MET A 348 27.31 -11.35 19.71
C MET A 348 27.58 -11.81 21.14
N PRO A 349 27.36 -10.93 22.12
CA PRO A 349 27.56 -11.33 23.53
C PRO A 349 26.59 -12.41 23.96
N MET A 350 27.02 -13.20 24.93
CA MET A 350 26.13 -14.17 25.58
C MET A 350 24.92 -13.46 26.17
N ARG A 351 23.74 -14.05 25.95
CA ARG A 351 22.53 -13.48 26.53
C ARG A 351 22.59 -13.52 28.05
N LYS A 352 21.96 -12.53 28.67
CA LYS A 352 21.85 -12.53 30.13
C LYS A 352 20.91 -13.64 30.58
N ALA A 353 21.23 -14.23 31.72
CA ALA A 353 20.48 -15.39 32.21
C ALA A 353 19.21 -14.96 32.95
N PRO B 1 -22.27 2.29 -34.73
CA PRO B 1 -21.75 3.62 -34.47
C PRO B 1 -20.56 3.59 -33.52
N ALA B 2 -19.60 4.49 -33.69
CA ALA B 2 -18.42 4.50 -32.84
C ALA B 2 -18.71 5.25 -31.55
N LEU B 3 -18.04 4.82 -30.47
CA LEU B 3 -18.24 5.46 -29.17
C LEU B 3 -17.96 6.96 -29.25
N LYS B 4 -16.93 7.35 -30.00
CA LYS B 4 -16.63 8.77 -30.14
C LYS B 4 -17.76 9.51 -30.83
N ASP B 5 -18.52 8.83 -31.69
CA ASP B 5 -19.61 9.52 -32.40
C ASP B 5 -20.78 9.79 -31.47
N LEU B 6 -21.19 8.80 -30.67
CA LEU B 6 -22.21 9.04 -29.66
C LEU B 6 -21.75 10.12 -28.68
N ALA B 7 -20.51 10.03 -28.21
CA ALA B 7 -20.00 11.00 -27.26
C ALA B 7 -19.97 12.40 -27.86
N LYS B 8 -19.67 12.49 -29.15
CA LYS B 8 -19.57 13.79 -29.80
C LYS B 8 -20.96 14.36 -30.08
N ALA B 9 -21.92 13.49 -30.42
CA ALA B 9 -23.31 13.91 -30.50
C ALA B 9 -23.83 14.41 -29.17
N LYS B 10 -23.24 13.96 -28.07
CA LYS B 10 -23.63 14.45 -26.76
C LYS B 10 -22.74 15.59 -26.27
N GLY B 11 -21.74 15.99 -27.05
CA GLY B 11 -20.86 17.06 -26.64
C GLY B 11 -19.72 16.61 -25.75
N MET B 12 -19.27 15.37 -25.90
CA MET B 12 -18.27 14.77 -25.02
C MET B 12 -17.15 14.17 -25.86
N ARG B 13 -15.91 14.34 -25.39
CA ARG B 13 -14.78 13.68 -26.04
C ARG B 13 -14.60 12.27 -25.48
N PHE B 14 -14.19 11.37 -26.35
CA PHE B 14 -13.95 9.98 -25.99
C PHE B 14 -12.53 9.59 -26.38
N GLY B 15 -11.82 8.99 -25.44
CA GLY B 15 -10.44 8.67 -25.67
C GLY B 15 -9.95 7.45 -24.92
N SER B 16 -8.64 7.25 -24.94
CA SER B 16 -8.06 6.07 -24.34
C SER B 16 -6.60 6.34 -23.99
N ALA B 17 -6.11 5.53 -23.07
CA ALA B 17 -4.68 5.46 -22.79
C ALA B 17 -4.00 4.62 -23.86
N ILE B 18 -2.75 4.94 -24.12
CA ILE B 18 -1.93 4.15 -25.04
C ILE B 18 -0.49 4.31 -24.61
N GLY B 19 0.29 3.22 -24.72
CA GLY B 19 1.61 3.20 -24.15
C GLY B 19 2.61 2.55 -25.08
N LEU B 20 3.88 2.71 -24.71
CA LEU B 20 4.99 2.15 -25.46
C LEU B 20 6.09 1.56 -24.58
N LEU B 21 6.29 2.06 -23.36
CA LEU B 21 7.48 1.74 -22.57
C LEU B 21 7.33 0.49 -21.72
N GLU B 22 6.25 0.38 -20.95
CA GLU B 22 6.15 -0.61 -19.88
C GLU B 22 5.42 -1.88 -20.34
N ASP B 23 5.89 -3.02 -19.84
CA ASP B 23 5.25 -4.33 -20.01
C ASP B 23 4.95 -4.62 -21.48
N GLN B 24 6.01 -4.61 -22.29
CA GLN B 24 5.85 -4.61 -23.73
C GLN B 24 5.63 -6.01 -24.29
N ASP B 25 6.32 -7.01 -23.74
CA ASP B 25 6.21 -8.36 -24.28
C ASP B 25 4.78 -8.89 -24.21
N THR B 26 3.99 -8.40 -23.26
CA THR B 26 2.63 -8.88 -23.03
C THR B 26 1.56 -7.84 -23.38
N ARG B 27 1.73 -6.60 -22.93
CA ARG B 27 0.73 -5.56 -23.12
C ARG B 27 1.06 -4.67 -24.31
N LYS B 28 1.34 -5.29 -25.46
CA LYS B 28 1.73 -4.56 -26.66
C LYS B 28 0.54 -3.76 -27.18
N SER B 29 0.65 -2.42 -27.14
CA SER B 29 -0.47 -1.55 -27.50
C SER B 29 -0.13 -0.72 -28.72
N PHE B 30 0.72 0.30 -28.60
CA PHE B 30 0.98 1.20 -29.73
C PHE B 30 1.67 0.48 -30.88
N ARG B 31 2.49 -0.52 -30.58
CA ARG B 31 3.21 -1.23 -31.63
C ARG B 31 2.29 -2.14 -32.44
N ASP B 32 1.05 -2.31 -32.02
CA ASP B 32 0.11 -3.16 -32.75
C ASP B 32 -0.71 -2.31 -33.69
N PRO B 33 -0.52 -2.40 -35.01
CA PRO B 33 -1.32 -1.57 -35.92
C PRO B 33 -2.82 -1.82 -35.78
N ALA B 34 -3.22 -3.04 -35.46
CA ALA B 34 -4.64 -3.33 -35.23
C ALA B 34 -5.17 -2.58 -34.03
N TYR B 35 -4.37 -2.49 -32.96
CA TYR B 35 -4.81 -1.73 -31.80
C TYR B 35 -4.92 -0.24 -32.11
N ARG B 36 -3.93 0.31 -32.82
CA ARG B 36 -4.02 1.71 -33.23
C ARG B 36 -5.25 1.94 -34.09
N ALA B 37 -5.56 1.02 -35.00
CA ALA B 37 -6.72 1.19 -35.86
C ALA B 37 -8.02 1.14 -35.06
N LEU B 38 -8.10 0.23 -34.08
CA LEU B 38 -9.28 0.17 -33.23
C LEU B 38 -9.45 1.46 -32.43
N MET B 39 -8.37 1.94 -31.82
CA MET B 39 -8.43 3.18 -31.05
C MET B 39 -8.86 4.36 -31.93
N ALA B 40 -8.27 4.47 -33.13
CA ALA B 40 -8.63 5.56 -34.03
C ALA B 40 -10.07 5.42 -34.51
N ARG B 41 -10.60 4.20 -34.57
CA ARG B 41 -12.00 4.01 -34.90
C ARG B 41 -12.90 4.52 -33.78
N GLU B 42 -12.63 4.10 -32.55
CA GLU B 42 -13.55 4.38 -31.44
C GLU B 42 -13.26 5.67 -30.69
N CYS B 43 -12.10 6.29 -30.86
CA CYS B 43 -11.70 7.41 -30.02
C CYS B 43 -11.26 8.61 -30.83
N ASN B 44 -11.43 9.79 -30.24
CA ASN B 44 -10.82 11.01 -30.74
C ASN B 44 -9.97 11.70 -29.68
N MET B 45 -9.60 10.98 -28.61
CA MET B 45 -8.75 11.55 -27.57
C MET B 45 -7.75 10.53 -27.06
N ILE B 46 -6.52 10.99 -26.82
CA ILE B 46 -5.40 10.13 -26.46
C ILE B 46 -4.80 10.62 -25.15
N VAL B 47 -4.35 9.68 -24.32
CA VAL B 47 -3.52 9.99 -23.17
C VAL B 47 -2.41 8.94 -23.11
N ALA B 48 -1.23 9.37 -22.67
CA ALA B 48 -0.07 8.51 -22.57
C ALA B 48 -0.09 7.77 -21.24
N GLU B 49 -0.06 6.45 -21.29
CA GLU B 49 -0.16 5.65 -20.07
C GLU B 49 1.03 5.92 -19.15
N ASN B 50 2.22 6.09 -19.71
CA ASN B 50 3.41 6.24 -18.89
C ASN B 50 4.43 7.21 -19.47
N GLU B 51 4.30 7.64 -20.72
CA GLU B 51 5.38 8.28 -21.46
C GLU B 51 5.52 9.78 -21.17
N THR B 52 4.55 10.40 -20.50
CA THR B 52 4.66 11.81 -20.13
C THR B 52 4.63 12.00 -18.62
N LYS B 53 4.89 10.94 -17.87
CA LYS B 53 5.15 11.05 -16.44
C LYS B 53 6.59 11.48 -16.20
N TRP B 54 6.82 12.09 -15.03
CA TRP B 54 8.15 12.61 -14.71
C TRP B 54 9.20 11.49 -14.71
N GLN B 55 8.84 10.31 -14.21
CA GLN B 55 9.80 9.21 -14.13
C GLN B 55 10.25 8.74 -15.51
N ALA B 56 9.41 8.92 -16.52
CA ALA B 56 9.77 8.53 -17.88
C ALA B 56 10.48 9.63 -18.63
N LEU B 57 10.18 10.89 -18.31
CA LEU B 57 10.75 12.01 -19.06
C LEU B 57 12.16 12.35 -18.56
N GLN B 58 12.37 12.32 -17.25
CA GLN B 58 13.63 12.72 -16.64
C GLN B 58 14.07 11.67 -15.64
N PRO B 59 14.45 10.48 -16.11
CA PRO B 59 14.92 9.43 -15.18
C PRO B 59 16.26 9.73 -14.55
N LYS B 60 17.05 10.62 -15.15
CA LYS B 60 18.31 11.09 -14.59
C LYS B 60 18.43 12.57 -14.90
N PRO B 61 19.28 13.30 -14.17
CA PRO B 61 19.41 14.74 -14.41
C PRO B 61 19.75 15.04 -15.87
N GLY B 62 19.44 16.27 -16.27
CA GLY B 62 19.65 16.65 -17.65
C GLY B 62 18.35 16.73 -18.43
N PRO B 63 18.47 16.64 -19.77
CA PRO B 63 17.32 16.91 -20.63
C PRO B 63 16.27 15.81 -20.56
N TYR B 64 15.10 16.13 -21.10
CA TYR B 64 13.94 15.25 -21.06
C TYR B 64 13.99 14.21 -22.18
N GLN B 65 13.24 13.14 -22.00
CA GLN B 65 13.18 12.00 -22.93
C GLN B 65 11.81 11.99 -23.59
N TRP B 66 11.65 12.79 -24.64
CA TRP B 66 10.37 12.96 -25.32
C TRP B 66 10.12 11.94 -26.42
N GLY B 67 11.08 11.05 -26.70
CA GLY B 67 10.99 10.14 -27.82
C GLY B 67 9.69 9.37 -27.98
N PRO B 68 9.37 8.50 -27.00
CA PRO B 68 8.14 7.69 -27.13
C PRO B 68 6.87 8.52 -27.15
N ALA B 69 6.80 9.54 -26.28
CA ALA B 69 5.64 10.44 -26.31
C ALA B 69 5.53 11.13 -27.66
N ASP B 70 6.66 11.56 -28.23
CA ASP B 70 6.64 12.20 -29.54
C ASP B 70 6.13 11.26 -30.63
N GLU B 71 6.56 9.99 -30.60
CA GLU B 71 6.07 9.03 -31.57
C GLU B 71 4.55 8.89 -31.46
N MET B 72 4.07 8.63 -30.24
CA MET B 72 2.64 8.42 -30.05
C MET B 72 1.84 9.67 -30.39
N PHE B 73 2.42 10.86 -30.18
CA PHE B 73 1.66 12.08 -30.42
C PHE B 73 1.68 12.51 -31.87
N ALA B 74 2.74 12.22 -32.61
CA ALA B 74 2.69 12.37 -34.06
C ALA B 74 1.61 11.47 -34.62
N TRP B 75 1.53 10.22 -34.13
CA TRP B 75 0.44 9.35 -34.56
C TRP B 75 -0.92 9.94 -34.21
N ALA B 76 -1.05 10.47 -32.98
CA ALA B 76 -2.33 11.03 -32.53
C ALA B 76 -2.75 12.20 -33.39
N ARG B 77 -1.81 13.06 -33.79
CA ARG B 77 -2.15 14.21 -34.62
C ARG B 77 -2.51 13.78 -36.03
N LYS B 78 -1.84 12.75 -36.56
CA LYS B 78 -2.16 12.34 -37.92
C LYS B 78 -3.45 11.52 -38.00
N GLU B 79 -3.97 11.05 -36.87
CA GLU B 79 -5.31 10.49 -36.80
C GLU B 79 -6.30 11.49 -36.24
N GLY B 80 -5.91 12.75 -36.12
CA GLY B 80 -6.79 13.81 -35.65
C GLY B 80 -7.36 13.59 -34.26
N MET B 81 -6.48 13.41 -33.28
CA MET B 81 -6.92 13.13 -31.91
C MET B 81 -6.36 14.16 -30.95
N ALA B 82 -7.22 14.70 -30.09
CA ALA B 82 -6.78 15.61 -29.05
C ALA B 82 -5.96 14.85 -28.01
N ILE B 83 -5.06 15.57 -27.35
CA ILE B 83 -4.03 14.95 -26.52
C ILE B 83 -4.13 15.51 -25.11
N ARG B 84 -4.09 14.63 -24.12
CA ARG B 84 -3.98 14.99 -22.72
C ARG B 84 -2.53 14.86 -22.24
N GLY B 85 -2.24 15.55 -21.15
CA GLY B 85 -0.94 15.42 -20.51
C GLY B 85 -1.05 14.76 -19.16
N HIS B 86 -0.62 13.51 -19.07
CA HIS B 86 -0.70 12.74 -17.83
C HIS B 86 0.69 12.20 -17.50
N ALA B 87 1.25 12.63 -16.38
CA ALA B 87 0.73 13.65 -15.47
C ALA B 87 1.91 14.51 -15.06
N LEU B 88 1.67 15.76 -14.65
CA LEU B 88 2.80 16.64 -14.37
C LEU B 88 3.53 16.19 -13.11
N ILE B 89 2.83 16.07 -11.99
CA ILE B 89 3.41 15.60 -10.75
C ILE B 89 2.52 14.52 -10.17
N TRP B 90 3.13 13.41 -9.76
CA TRP B 90 2.46 12.31 -9.08
C TRP B 90 2.99 12.30 -7.65
N GLN B 91 2.12 12.61 -6.68
CA GLN B 91 2.58 13.14 -5.40
C GLN B 91 3.42 12.14 -4.60
N ASP B 92 3.04 10.88 -4.58
CA ASP B 92 3.75 9.92 -3.74
C ASP B 92 5.21 9.86 -4.17
N PRO B 93 6.15 9.84 -3.21
CA PRO B 93 7.57 9.82 -3.59
C PRO B 93 7.99 8.66 -4.47
N LYS B 94 7.24 7.55 -4.47
CA LYS B 94 7.57 6.42 -5.32
C LYS B 94 7.31 6.70 -6.80
N TRP B 95 6.66 7.82 -7.12
CA TRP B 95 6.32 8.16 -8.50
C TRP B 95 7.09 9.38 -9.00
N LEU B 96 7.92 9.96 -8.19
CA LEU B 96 8.87 10.97 -8.60
C LEU B 96 10.15 10.28 -9.05
N PRO B 97 10.99 10.94 -9.83
CA PRO B 97 12.28 10.34 -10.19
C PRO B 97 13.09 10.06 -8.94
N ALA B 98 13.85 8.96 -8.98
CA ALA B 98 14.64 8.56 -7.82
C ALA B 98 15.63 9.64 -7.43
N TRP B 99 16.25 10.30 -8.42
CA TRP B 99 17.22 11.35 -8.12
C TRP B 99 16.55 12.56 -7.48
N VAL B 100 15.27 12.78 -7.74
CA VAL B 100 14.54 13.90 -7.14
C VAL B 100 14.36 13.68 -5.65
N ASN B 101 14.04 12.45 -5.24
CA ASN B 101 13.82 12.17 -3.83
C ASN B 101 15.09 12.31 -2.99
N ALA B 102 16.27 12.22 -3.62
CA ALA B 102 17.53 12.37 -2.93
C ALA B 102 18.00 13.82 -2.88
N LEU B 103 17.20 14.76 -3.39
CA LEU B 103 17.58 16.16 -3.38
C LEU B 103 17.58 16.71 -1.95
N ASP B 104 18.45 17.68 -1.70
CA ASP B 104 18.58 18.32 -0.40
C ASP B 104 17.86 19.68 -0.45
N LEU B 105 16.56 19.63 -0.19
CA LEU B 105 15.76 20.85 -0.26
C LEU B 105 15.66 21.58 1.08
N LYS B 106 15.71 20.87 2.20
CA LYS B 106 15.55 21.53 3.50
C LYS B 106 16.71 22.47 3.81
N SER B 107 17.87 22.25 3.23
CA SER B 107 19.01 23.15 3.40
C SER B 107 18.86 24.44 2.61
N LYS B 108 17.87 24.53 1.71
CA LYS B 108 17.76 25.67 0.80
C LYS B 108 16.46 26.44 1.01
N PRO B 109 16.36 27.66 0.48
CA PRO B 109 15.10 28.41 0.59
C PRO B 109 13.94 27.67 -0.07
N VAL B 110 12.73 28.10 0.28
CA VAL B 110 11.53 27.56 -0.35
C VAL B 110 11.53 27.88 -1.84
N ALA B 111 12.18 28.98 -2.23
CA ALA B 111 12.30 29.35 -3.63
C ALA B 111 13.06 28.32 -4.46
N HIS B 112 13.90 27.51 -3.84
CA HIS B 112 14.66 26.49 -4.57
C HIS B 112 13.75 25.38 -5.07
N ALA B 113 12.94 24.81 -4.17
CA ALA B 113 11.96 23.81 -4.59
C ALA B 113 10.99 24.40 -5.61
N GLU B 114 10.59 25.65 -5.41
CA GLU B 114 9.74 26.33 -6.37
C GLU B 114 10.40 26.42 -7.73
N ALA B 115 11.71 26.70 -7.76
CA ALA B 115 12.42 26.78 -9.04
C ALA B 115 12.43 25.42 -9.73
N ILE B 116 12.65 24.35 -8.98
CA ILE B 116 12.66 23.01 -9.59
C ILE B 116 11.29 22.70 -10.20
N LEU B 117 10.23 22.95 -9.43
CA LEU B 117 8.88 22.68 -9.95
C LEU B 117 8.56 23.57 -11.13
N ARG B 118 9.06 24.82 -11.11
CA ARG B 118 8.89 25.73 -12.24
C ARG B 118 9.53 25.16 -13.51
N GLU B 119 10.76 24.68 -13.40
CA GLU B 119 11.37 23.98 -14.54
C GLU B 119 10.53 22.83 -15.02
N HIS B 120 10.12 21.92 -14.14
CA HIS B 120 9.33 20.77 -14.61
C HIS B 120 8.06 21.22 -15.36
N ALA B 121 7.23 22.06 -14.74
CA ALA B 121 5.98 22.49 -15.36
C ALA B 121 6.25 23.22 -16.68
N LYS B 122 7.23 24.13 -16.70
CA LYS B 122 7.51 24.88 -17.91
C LYS B 122 7.97 23.98 -19.05
N THR B 123 8.94 23.10 -18.77
CA THR B 123 9.41 22.16 -19.79
C THR B 123 8.26 21.36 -20.37
N VAL B 124 7.48 20.71 -19.51
CA VAL B 124 6.42 19.84 -19.99
C VAL B 124 5.38 20.63 -20.77
N CYS B 125 5.07 21.85 -20.31
CA CYS B 125 3.97 22.59 -20.92
C CYS B 125 4.37 23.24 -22.24
N THR B 126 5.62 23.71 -22.36
CA THR B 126 6.04 24.26 -23.64
C THR B 126 6.41 23.19 -24.65
N HIS B 127 6.77 21.98 -24.20
CA HIS B 127 6.94 20.93 -25.21
C HIS B 127 5.60 20.41 -25.70
N LEU B 128 4.61 20.32 -24.83
CA LEU B 128 3.30 19.77 -25.18
C LEU B 128 2.27 20.89 -25.33
N LYS B 129 2.51 21.75 -26.32
CA LYS B 129 1.71 22.96 -26.47
C LYS B 129 0.38 22.71 -27.15
N ASP B 130 0.19 21.54 -27.77
CA ASP B 130 -1.09 21.18 -28.38
C ASP B 130 -2.00 20.41 -27.42
N VAL B 131 -1.55 20.16 -26.19
CA VAL B 131 -2.34 19.39 -25.24
C VAL B 131 -3.55 20.22 -24.79
N ILE B 132 -4.71 19.58 -24.76
CA ILE B 132 -5.93 20.27 -24.36
C ILE B 132 -6.18 20.20 -22.85
N SER B 133 -5.67 19.18 -22.16
CA SER B 133 -5.98 18.99 -20.76
C SER B 133 -4.81 18.33 -20.04
N HIS B 134 -4.44 18.89 -18.89
CA HIS B 134 -3.34 18.39 -18.06
C HIS B 134 -3.88 17.88 -16.74
N ASP B 135 -3.40 16.71 -16.32
CA ASP B 135 -3.48 16.29 -14.92
C ASP B 135 -2.32 16.94 -14.19
N VAL B 136 -2.58 18.10 -13.58
CA VAL B 136 -1.48 18.84 -12.97
C VAL B 136 -0.94 18.09 -11.76
N VAL B 137 -1.82 17.74 -10.83
CA VAL B 137 -1.46 16.96 -9.65
C VAL B 137 -2.27 15.68 -9.67
N ASN B 138 -1.61 14.55 -9.48
CA ASN B 138 -2.26 13.24 -9.50
C ASN B 138 -2.10 12.55 -8.15
N GLU B 139 -3.21 12.09 -7.60
CA GLU B 139 -3.22 11.26 -6.39
C GLU B 139 -2.46 11.93 -5.24
N ALA B 140 -3.09 12.96 -4.67
CA ALA B 140 -2.49 13.75 -3.60
C ALA B 140 -3.17 13.58 -2.25
N VAL B 141 -4.13 12.65 -2.15
CA VAL B 141 -4.90 12.48 -0.93
C VAL B 141 -4.87 11.00 -0.57
N SER B 142 -4.53 10.71 0.68
CA SER B 142 -4.37 9.33 1.11
C SER B 142 -5.72 8.60 1.05
N PRO B 143 -5.81 7.48 0.34
CA PRO B 143 -7.05 6.69 0.34
C PRO B 143 -7.34 6.01 1.66
N LYS B 144 -6.45 6.13 2.66
CA LYS B 144 -6.67 5.54 3.96
C LYS B 144 -7.30 6.52 4.95
N ASP B 145 -6.83 7.78 4.98
CA ASP B 145 -7.31 8.72 5.97
C ASP B 145 -7.56 10.12 5.43
N GLY B 146 -7.46 10.34 4.11
CA GLY B 146 -7.73 11.65 3.57
C GLY B 146 -6.66 12.69 3.82
N SER B 147 -5.57 12.35 4.49
CA SER B 147 -4.48 13.29 4.67
C SER B 147 -3.78 13.52 3.33
N LEU B 148 -3.03 14.62 3.25
CA LEU B 148 -2.30 14.91 2.03
C LEU B 148 -1.01 14.11 1.98
N ILE B 149 -0.79 13.40 0.87
CA ILE B 149 0.41 12.59 0.70
C ILE B 149 1.63 13.50 0.63
N GLN B 150 2.67 13.15 1.37
CA GLN B 150 3.85 13.99 1.50
C GLN B 150 4.99 13.46 0.64
N ASN B 151 5.79 14.39 0.13
CA ASN B 151 7.02 14.06 -0.59
C ASN B 151 8.02 15.18 -0.33
N VAL B 152 9.18 15.08 -0.98
CA VAL B 152 10.26 16.01 -0.71
C VAL B 152 9.89 17.45 -1.03
N PHE B 153 8.83 17.68 -1.81
CA PHE B 153 8.41 19.04 -2.11
C PHE B 153 7.44 19.58 -1.06
N THR B 154 6.44 18.76 -0.69
CA THR B 154 5.51 19.17 0.35
C THR B 154 6.20 19.28 1.71
N LYS B 155 7.25 18.47 1.94
CA LYS B 155 8.01 18.58 3.17
C LYS B 155 8.62 19.98 3.30
N ARG B 156 8.95 20.61 2.19
CA ARG B 156 9.66 21.89 2.17
C ARG B 156 8.73 23.10 2.05
N MET B 157 7.71 23.03 1.20
CA MET B 157 6.85 24.16 0.91
C MET B 157 5.52 24.12 1.65
N GLY B 158 5.07 22.93 2.06
CA GLY B 158 3.70 22.74 2.49
C GLY B 158 2.91 22.06 1.39
N ALA B 159 2.05 21.12 1.76
CA ALA B 159 1.36 20.31 0.76
C ALA B 159 0.42 21.16 -0.09
N VAL B 160 -0.50 21.88 0.56
CA VAL B 160 -1.44 22.71 -0.19
C VAL B 160 -0.69 23.81 -0.93
N GLU B 161 0.39 24.33 -0.33
CA GLU B 161 1.21 25.30 -1.02
C GLU B 161 1.80 24.73 -2.29
N GLN B 162 2.31 23.49 -2.24
CA GLN B 162 2.92 22.89 -3.42
C GLN B 162 1.88 22.64 -4.50
N ILE B 163 0.66 22.24 -4.11
CA ILE B 163 -0.37 21.95 -5.10
C ILE B 163 -0.85 23.23 -5.77
N GLU B 164 -1.12 24.26 -4.96
CA GLU B 164 -1.43 25.58 -5.50
C GLU B 164 -0.35 26.05 -6.47
N PHE B 165 0.91 25.89 -6.09
CA PHE B 165 2.01 26.34 -6.94
C PHE B 165 2.05 25.57 -8.25
N ALA B 166 1.87 24.25 -8.20
CA ALA B 166 1.85 23.46 -9.42
C ALA B 166 0.77 23.93 -10.37
N PHE B 167 -0.43 24.18 -9.84
CA PHE B 167 -1.52 24.64 -10.70
C PHE B 167 -1.26 26.03 -11.25
N ARG B 168 -0.65 26.91 -10.45
CA ARG B 168 -0.38 28.26 -10.94
C ARG B 168 0.67 28.24 -12.05
N GLN B 169 1.71 27.42 -11.89
CA GLN B 169 2.72 27.30 -12.94
C GLN B 169 2.10 26.73 -14.21
N ALA B 170 1.29 25.68 -14.07
CA ALA B 170 0.63 25.08 -15.23
C ALA B 170 -0.25 26.09 -15.96
N HIS B 171 -1.03 26.88 -15.21
CA HIS B 171 -1.86 27.89 -15.86
C HIS B 171 -1.01 28.95 -16.54
N GLU B 172 0.15 29.29 -15.96
CA GLU B 172 0.99 30.31 -16.56
C GLU B 172 1.60 29.83 -17.87
N HIS B 173 2.02 28.56 -17.92
CA HIS B 173 2.71 28.05 -19.10
C HIS B 173 1.82 27.28 -20.07
N ALA B 174 0.55 27.05 -19.72
CA ALA B 174 -0.40 26.38 -20.62
C ALA B 174 -1.76 27.06 -20.46
N PRO B 175 -1.89 28.29 -20.94
CA PRO B 175 -3.08 29.07 -20.54
C PRO B 175 -4.37 28.63 -21.19
N LYS B 176 -4.34 27.85 -22.27
CA LYS B 176 -5.60 27.45 -22.85
C LYS B 176 -5.97 26.00 -22.56
N ALA B 177 -5.26 25.39 -21.61
CA ALA B 177 -5.42 23.99 -21.27
C ALA B 177 -6.33 23.86 -20.06
N GLN B 178 -7.13 22.79 -20.07
CA GLN B 178 -7.93 22.41 -18.92
C GLN B 178 -7.03 21.85 -17.83
N LEU B 179 -7.02 22.48 -16.66
CA LEU B 179 -6.19 22.02 -15.55
C LEU B 179 -7.02 21.16 -14.61
N VAL B 180 -6.52 19.95 -14.33
CA VAL B 180 -7.29 18.93 -13.63
C VAL B 180 -6.50 18.42 -12.44
N TYR B 181 -7.21 18.20 -11.34
CA TYR B 181 -6.67 17.36 -10.27
C TYR B 181 -7.25 15.97 -10.46
N ASN B 182 -6.38 14.98 -10.67
CA ASN B 182 -6.80 13.63 -11.07
C ASN B 182 -6.53 12.67 -9.92
N ASP B 183 -7.53 11.88 -9.56
CA ASP B 183 -7.38 10.95 -8.45
C ASP B 183 -8.53 9.95 -8.50
N PHE B 184 -8.35 8.82 -7.79
CA PHE B 184 -9.24 7.68 -7.94
C PHE B 184 -10.26 7.56 -6.80
N MET B 185 -10.58 8.66 -6.14
CA MET B 185 -11.65 8.62 -5.15
C MET B 185 -12.95 8.24 -5.84
N GLY B 186 -13.84 7.57 -5.10
CA GLY B 186 -15.07 7.09 -5.68
C GLY B 186 -16.12 6.68 -4.67
N PRO B 187 -17.19 6.05 -5.15
CA PRO B 187 -18.26 5.63 -4.24
C PRO B 187 -17.78 4.55 -3.30
N GLY B 188 -18.26 4.61 -2.06
CA GLY B 188 -17.83 3.68 -1.03
C GLY B 188 -18.11 4.25 0.34
N LEU B 189 -17.95 3.42 1.38
CA LEU B 189 -18.45 3.85 2.72
C LEU B 189 -17.39 4.18 3.79
N GLY B 190 -16.27 3.45 3.81
CA GLY B 190 -15.27 3.64 4.88
C GLY B 190 -14.09 4.48 4.41
N ASP B 191 -12.93 3.85 4.23
CA ASP B 191 -11.72 4.57 3.72
C ASP B 191 -12.15 5.43 2.53
N ARG B 192 -13.09 4.93 1.72
CA ARG B 192 -13.51 5.69 0.55
C ARG B 192 -14.12 7.03 0.95
N ALA B 193 -14.88 7.05 2.05
CA ALA B 193 -15.46 8.30 2.50
C ALA B 193 -14.38 9.28 2.94
N LYS B 194 -13.32 8.77 3.59
CA LYS B 194 -12.22 9.64 3.98
C LYS B 194 -11.45 10.17 2.77
N HIS B 195 -11.26 9.33 1.76
CA HIS B 195 -10.62 9.80 0.53
C HIS B 195 -11.43 10.91 -0.12
N ARG B 196 -12.75 10.69 -0.26
CA ARG B 196 -13.62 11.71 -0.83
C ARG B 196 -13.58 12.99 -0.02
N ALA B 197 -13.58 12.88 1.32
CA ALA B 197 -13.59 14.06 2.16
C ALA B 197 -12.29 14.85 2.02
N GLY B 198 -11.15 14.15 2.02
CA GLY B 198 -9.88 14.84 1.85
C GLY B 198 -9.78 15.52 0.50
N VAL B 199 -10.33 14.90 -0.54
CA VAL B 199 -10.29 15.52 -1.85
C VAL B 199 -11.18 16.76 -1.90
N LEU B 200 -12.38 16.67 -1.31
CA LEU B 200 -13.22 17.86 -1.19
C LEU B 200 -12.48 18.98 -0.46
N LYS B 201 -11.75 18.63 0.60
CA LYS B 201 -10.99 19.65 1.34
C LYS B 201 -9.93 20.30 0.45
N LEU B 202 -9.19 19.49 -0.30
CA LEU B 202 -8.16 20.03 -1.19
C LEU B 202 -8.75 20.95 -2.24
N LEU B 203 -9.86 20.53 -2.86
CA LEU B 203 -10.48 21.36 -3.89
C LEU B 203 -11.01 22.66 -3.31
N ALA B 204 -11.63 22.59 -2.13
CA ALA B 204 -12.15 23.80 -1.49
C ALA B 204 -11.02 24.79 -1.20
N GLU B 205 -9.92 24.30 -0.63
CA GLU B 205 -8.81 25.21 -0.32
C GLU B 205 -8.21 25.78 -1.59
N LEU B 206 -8.12 24.97 -2.65
CA LEU B 206 -7.54 25.46 -3.91
C LEU B 206 -8.41 26.54 -4.53
N LYS B 207 -9.73 26.35 -4.55
CA LYS B 207 -10.61 27.40 -5.05
C LYS B 207 -10.60 28.62 -4.15
N LYS B 208 -10.44 28.44 -2.84
CA LYS B 208 -10.44 29.58 -1.92
C LYS B 208 -9.23 30.48 -2.15
N ARG B 209 -8.08 29.89 -2.42
CA ARG B 209 -6.84 30.66 -2.58
C ARG B 209 -6.72 31.33 -3.93
N GLY B 210 -7.70 31.15 -4.81
CA GLY B 210 -7.60 31.68 -6.15
C GLY B 210 -6.82 30.82 -7.11
N ALA B 211 -6.57 29.57 -6.75
CA ALA B 211 -5.75 28.71 -7.61
C ALA B 211 -6.52 28.35 -8.87
N PRO B 212 -5.87 28.33 -10.02
CA PRO B 212 -6.53 28.03 -11.30
C PRO B 212 -6.70 26.53 -11.53
N ILE B 213 -7.56 25.92 -10.73
CA ILE B 213 -7.97 24.53 -10.96
C ILE B 213 -9.29 24.54 -11.70
N HIS B 214 -9.35 23.79 -12.80
CA HIS B 214 -10.52 23.82 -13.67
C HIS B 214 -11.38 22.57 -13.62
N ALA B 215 -10.85 21.43 -13.18
CA ALA B 215 -11.66 20.22 -13.23
C ALA B 215 -11.14 19.15 -12.28
N LEU B 216 -12.02 18.21 -11.95
CA LEU B 216 -11.69 17.01 -11.21
C LEU B 216 -11.70 15.82 -12.16
N GLY B 217 -10.67 14.99 -12.07
CA GLY B 217 -10.59 13.77 -12.85
C GLY B 217 -10.88 12.55 -12.01
N LEU B 218 -12.07 12.00 -12.19
CA LEU B 218 -12.48 10.74 -11.58
C LEU B 218 -11.86 9.61 -12.40
N GLN B 219 -10.80 9.01 -11.88
CA GLN B 219 -10.13 7.92 -12.57
C GLN B 219 -11.09 6.79 -12.90
N SER B 220 -12.05 6.52 -12.01
CA SER B 220 -13.12 5.55 -12.26
C SER B 220 -12.57 4.15 -12.51
N HIS B 221 -11.71 3.70 -11.60
CA HIS B 221 -11.26 2.29 -11.61
C HIS B 221 -12.23 1.52 -10.73
N ILE B 222 -13.39 1.22 -11.30
CA ILE B 222 -14.51 0.73 -10.49
C ILE B 222 -14.40 -0.78 -10.28
N SER B 223 -15.06 -1.26 -9.23
CA SER B 223 -15.13 -2.68 -8.92
C SER B 223 -16.50 -2.96 -8.31
N ALA B 224 -16.66 -4.16 -7.74
CA ALA B 224 -17.95 -4.56 -7.19
C ALA B 224 -18.27 -3.83 -5.88
N GLY B 225 -17.28 -3.30 -5.19
CA GLY B 225 -17.52 -2.51 -4.01
C GLY B 225 -17.94 -1.09 -4.28
N ASP B 226 -18.08 -0.70 -5.54
CA ASP B 226 -18.64 0.58 -5.93
C ASP B 226 -20.08 0.46 -6.35
N MET B 227 -20.73 -0.67 -6.04
CA MET B 227 -22.12 -0.88 -6.38
C MET B 227 -22.98 0.17 -5.67
N MET B 228 -23.92 0.75 -6.43
CA MET B 228 -24.72 1.86 -5.95
C MET B 228 -26.21 1.58 -5.98
N SER B 229 -26.66 0.65 -6.80
CA SER B 229 -28.07 0.28 -6.87
C SER B 229 -28.39 -0.83 -5.88
N GLY B 230 -29.66 -0.88 -5.48
CA GLY B 230 -30.11 -1.79 -4.45
C GLY B 230 -30.35 -1.03 -3.16
N PRO B 231 -31.33 -1.49 -2.38
CA PRO B 231 -31.63 -0.79 -1.11
C PRO B 231 -30.45 -0.67 -0.17
N ALA B 232 -29.66 -1.74 -0.01
CA ALA B 232 -28.53 -1.70 0.92
C ALA B 232 -27.47 -0.67 0.54
N ASN B 233 -27.44 -0.21 -0.71
CA ASN B 233 -26.39 0.68 -1.18
C ASN B 233 -26.87 2.11 -1.36
N ALA B 234 -28.05 2.45 -0.85
CA ALA B 234 -28.60 3.79 -1.04
C ALA B 234 -27.60 4.85 -0.60
N ALA B 235 -27.03 4.66 0.59
CA ALA B 235 -26.09 5.65 1.11
C ALA B 235 -24.88 5.78 0.19
N VAL B 236 -24.34 4.64 -0.27
CA VAL B 236 -23.21 4.67 -1.19
C VAL B 236 -23.56 5.53 -2.39
N LEU B 237 -24.79 5.39 -2.89
CA LEU B 237 -25.22 6.23 -4.00
C LEU B 237 -25.35 7.68 -3.55
N ARG B 238 -26.10 7.90 -2.46
CA ARG B 238 -26.37 9.26 -2.00
C ARG B 238 -25.09 10.05 -1.83
N GLU B 239 -24.14 9.49 -1.06
CA GLU B 239 -22.93 10.24 -0.77
C GLU B 239 -22.15 10.51 -2.04
N TRP B 240 -22.09 9.53 -2.96
CA TRP B 240 -21.41 9.77 -4.22
C TRP B 240 -22.06 10.93 -4.93
N ARG B 241 -23.38 10.90 -5.06
CA ARG B 241 -24.07 12.02 -5.68
C ARG B 241 -23.76 13.30 -4.92
N LYS B 242 -23.83 13.25 -3.59
CA LYS B 242 -23.53 14.45 -2.81
C LYS B 242 -22.12 14.93 -3.13
N PHE B 243 -21.16 13.99 -3.14
CA PHE B 243 -19.80 14.36 -3.45
C PHE B 243 -19.75 15.09 -4.79
N LEU B 244 -20.29 14.44 -5.83
CA LEU B 244 -20.22 15.05 -7.14
C LEU B 244 -20.92 16.40 -7.15
N ASP B 245 -22.06 16.48 -6.45
CA ASP B 245 -22.78 17.75 -6.38
C ASP B 245 -21.87 18.86 -5.87
N GLU B 246 -21.22 18.63 -4.73
CA GLU B 246 -20.38 19.67 -4.16
C GLU B 246 -19.26 20.07 -5.11
N VAL B 247 -18.69 19.08 -5.83
CA VAL B 247 -17.62 19.42 -6.76
C VAL B 247 -18.14 20.40 -7.79
N THR B 248 -19.30 20.09 -8.40
CA THR B 248 -19.84 21.00 -9.40
C THR B 248 -20.33 22.29 -8.76
N GLY B 249 -20.53 22.30 -7.44
CA GLY B 249 -20.84 23.54 -6.75
C GLY B 249 -19.67 24.50 -6.69
N MET B 250 -18.43 23.98 -6.66
CA MET B 250 -17.27 24.85 -6.68
C MET B 250 -16.94 25.39 -8.06
N GLY B 251 -17.77 25.13 -9.06
CA GLY B 251 -17.44 25.56 -10.41
C GLY B 251 -16.39 24.71 -11.10
N LEU B 252 -16.31 23.42 -10.75
CA LEU B 252 -15.33 22.50 -11.32
C LEU B 252 -16.04 21.55 -12.27
N ASP B 253 -15.45 21.35 -13.45
CA ASP B 253 -15.94 20.35 -14.39
C ASP B 253 -15.44 18.97 -13.98
N LEU B 254 -15.88 17.95 -14.72
CA LEU B 254 -15.56 16.56 -14.41
C LEU B 254 -14.96 15.89 -15.63
N LEU B 255 -14.14 14.87 -15.37
CA LEU B 255 -13.67 13.96 -16.41
C LEU B 255 -13.71 12.54 -15.87
N ILE B 256 -14.03 11.59 -16.75
CA ILE B 256 -13.74 10.19 -16.50
C ILE B 256 -12.45 9.88 -17.26
N THR B 257 -11.37 9.64 -16.50
CA THR B 257 -10.03 9.72 -17.05
C THR B 257 -9.34 8.38 -17.28
N GLU B 258 -9.69 7.34 -16.52
CA GLU B 258 -8.96 6.08 -16.53
C GLU B 258 -9.91 4.90 -16.35
N PHE B 259 -10.97 4.84 -17.16
CA PHE B 259 -12.04 3.88 -16.91
C PHE B 259 -11.60 2.45 -17.20
N ASP B 260 -11.92 1.54 -16.28
CA ASP B 260 -11.94 0.10 -16.48
C ASP B 260 -12.67 -0.52 -15.31
N VAL B 261 -12.97 -1.81 -15.41
CA VAL B 261 -13.83 -2.49 -14.43
C VAL B 261 -13.08 -3.71 -13.88
N ASN B 262 -12.73 -3.67 -12.61
CA ASN B 262 -12.07 -4.79 -11.95
C ASN B 262 -13.08 -5.91 -11.72
N ASP B 263 -12.84 -7.08 -12.31
CA ASP B 263 -13.81 -8.17 -12.32
C ASP B 263 -13.52 -9.23 -11.26
N LYS B 264 -12.82 -8.88 -10.19
CA LYS B 264 -12.32 -9.90 -9.27
C LYS B 264 -13.41 -10.57 -8.46
N ALA B 265 -14.60 -9.95 -8.37
CA ALA B 265 -15.71 -10.51 -7.62
C ALA B 265 -16.69 -11.27 -8.49
N PHE B 266 -16.37 -11.47 -9.76
CA PHE B 266 -17.35 -12.10 -10.65
C PHE B 266 -16.87 -13.50 -11.02
N PRO B 267 -17.79 -14.41 -11.35
CA PRO B 267 -17.40 -15.81 -11.59
C PRO B 267 -16.38 -15.93 -12.71
N ALA B 268 -15.72 -17.09 -12.74
CA ALA B 268 -14.74 -17.35 -13.78
C ALA B 268 -15.38 -17.41 -15.16
N ASP B 269 -16.64 -17.83 -15.22
CA ASP B 269 -17.36 -17.97 -16.48
C ASP B 269 -17.35 -16.67 -17.27
N PHE B 270 -16.93 -16.76 -18.53
CA PHE B 270 -16.78 -15.56 -19.35
C PHE B 270 -18.09 -14.81 -19.53
N ALA B 271 -19.19 -15.54 -19.72
CA ALA B 271 -20.47 -14.88 -19.98
C ALA B 271 -20.96 -14.15 -18.74
N LYS B 272 -20.94 -14.83 -17.59
CA LYS B 272 -21.35 -14.18 -16.34
C LYS B 272 -20.43 -13.00 -16.02
N ARG B 273 -19.12 -13.15 -16.24
CA ARG B 273 -18.21 -12.07 -15.92
C ARG B 273 -18.43 -10.86 -16.81
N ASP B 274 -18.61 -11.07 -18.11
CA ASP B 274 -18.87 -9.97 -19.02
C ASP B 274 -20.20 -9.29 -18.70
N ALA B 275 -21.23 -10.09 -18.39
CA ALA B 275 -22.52 -9.51 -18.03
C ALA B 275 -22.43 -8.69 -16.75
N ALA B 276 -21.67 -9.17 -15.77
CA ALA B 276 -21.55 -8.46 -14.50
C ALA B 276 -20.74 -7.19 -14.66
N THR B 277 -19.64 -7.24 -15.43
CA THR B 277 -18.88 -6.02 -15.68
C THR B 277 -19.71 -5.01 -16.45
N ALA B 278 -20.57 -5.49 -17.37
CA ALA B 278 -21.43 -4.60 -18.13
C ALA B 278 -22.48 -3.94 -17.23
N ALA B 279 -23.13 -4.74 -16.38
CA ALA B 279 -24.14 -4.18 -15.48
C ALA B 279 -23.52 -3.18 -14.50
N LEU B 280 -22.32 -3.49 -14.00
CA LEU B 280 -21.64 -2.57 -13.10
C LEU B 280 -21.24 -1.28 -13.82
N ALA B 281 -20.71 -1.41 -15.04
CA ALA B 281 -20.41 -0.23 -15.84
C ALA B 281 -21.65 0.64 -16.03
N ARG B 282 -22.77 0.01 -16.40
CA ARG B 282 -24.02 0.75 -16.59
C ARG B 282 -24.44 1.45 -15.32
N ASP B 283 -24.41 0.73 -14.19
CA ASP B 283 -24.77 1.32 -12.91
C ASP B 283 -23.95 2.55 -12.62
N TYR B 284 -22.63 2.44 -12.70
CA TYR B 284 -21.76 3.57 -12.37
C TYR B 284 -21.93 4.72 -13.37
N LEU B 285 -21.98 4.40 -14.67
CA LEU B 285 -21.95 5.42 -15.70
C LEU B 285 -23.27 6.17 -15.83
N ASP B 286 -24.40 5.49 -15.70
CA ASP B 286 -25.68 6.19 -15.77
C ASP B 286 -25.78 7.25 -14.68
N VAL B 287 -25.30 6.93 -13.47
CA VAL B 287 -25.33 7.88 -12.38
C VAL B 287 -24.32 9.00 -12.60
N THR B 288 -23.07 8.64 -12.89
CA THR B 288 -22.02 9.64 -12.96
C THR B 288 -22.14 10.51 -14.21
N LEU B 289 -22.64 9.96 -15.31
CA LEU B 289 -22.73 10.73 -16.55
C LEU B 289 -23.95 11.64 -16.59
N SER B 290 -24.85 11.55 -15.61
CA SER B 290 -25.96 12.49 -15.55
C SER B 290 -25.53 13.86 -15.03
N TYR B 291 -24.23 14.10 -14.94
CA TYR B 291 -23.69 15.40 -14.60
C TYR B 291 -23.20 16.05 -15.88
N PRO B 292 -23.87 17.09 -16.39
CA PRO B 292 -23.52 17.64 -17.70
C PRO B 292 -22.16 18.32 -17.77
N THR B 293 -21.45 18.45 -16.67
CA THR B 293 -20.13 19.05 -16.71
C THR B 293 -19.03 18.03 -16.99
N CYS B 294 -19.39 16.76 -17.17
CA CYS B 294 -18.42 15.71 -17.50
C CYS B 294 -18.28 15.65 -19.02
N ARG B 295 -17.37 16.45 -19.55
CA ARG B 295 -17.20 16.59 -20.99
C ARG B 295 -16.15 15.65 -21.57
N ASP B 296 -15.51 14.81 -20.74
CA ASP B 296 -14.48 13.92 -21.22
C ASP B 296 -14.64 12.54 -20.63
N PHE B 297 -14.35 11.52 -21.45
CA PHE B 297 -14.45 10.12 -21.05
C PHE B 297 -13.31 9.39 -21.73
N LEU B 298 -12.47 8.71 -20.95
CA LEU B 298 -11.34 7.95 -21.47
C LEU B 298 -11.31 6.56 -20.86
N LEU B 299 -10.95 5.58 -21.69
CA LEU B 299 -10.73 4.21 -21.23
C LEU B 299 -9.24 4.01 -21.00
N TRP B 300 -8.90 3.40 -19.86
CA TRP B 300 -7.50 3.09 -19.57
C TRP B 300 -7.10 1.85 -20.37
N GLY B 301 -7.05 2.04 -21.69
CA GLY B 301 -6.93 0.92 -22.60
C GLY B 301 -8.28 0.32 -22.90
N MET B 302 -8.51 -0.11 -24.14
CA MET B 302 -9.81 -0.61 -24.56
C MET B 302 -9.79 -2.09 -24.90
N ALA B 303 -8.67 -2.77 -24.68
CA ALA B 303 -8.57 -4.21 -24.89
C ALA B 303 -8.03 -4.84 -23.62
N ASP B 304 -8.58 -6.01 -23.27
CA ASP B 304 -8.29 -6.63 -21.99
C ASP B 304 -6.79 -6.86 -21.80
N HIS B 305 -6.12 -7.34 -22.85
CA HIS B 305 -4.74 -7.77 -22.72
C HIS B 305 -3.77 -6.61 -22.54
N VAL B 306 -4.16 -5.39 -22.91
CA VAL B 306 -3.29 -4.23 -22.76
C VAL B 306 -3.57 -3.46 -21.48
N ASN B 307 -4.55 -3.90 -20.69
CA ASN B 307 -4.94 -3.19 -19.48
C ASN B 307 -3.96 -3.48 -18.34
N TRP B 308 -3.69 -2.45 -17.54
CA TRP B 308 -2.73 -2.57 -16.44
C TRP B 308 -3.13 -3.61 -15.39
N LEU B 309 -4.43 -3.93 -15.29
CA LEU B 309 -4.88 -4.86 -14.27
C LEU B 309 -4.38 -6.29 -14.47
N GLN B 310 -3.83 -6.61 -15.64
CA GLN B 310 -3.29 -7.94 -15.88
C GLN B 310 -2.02 -8.21 -15.11
N VAL B 311 -1.30 -7.17 -14.72
CA VAL B 311 0.00 -7.32 -14.08
C VAL B 311 0.03 -6.70 -12.69
N TRP B 312 -0.84 -5.74 -12.42
CA TRP B 312 -0.99 -5.14 -11.10
C TRP B 312 -1.29 -6.20 -10.06
N PRO B 313 -0.45 -6.33 -9.02
CA PRO B 313 -0.56 -7.51 -8.14
C PRO B 313 -1.84 -7.55 -7.32
N ASP B 314 -2.37 -6.39 -6.92
CA ASP B 314 -3.56 -6.35 -6.08
C ASP B 314 -4.81 -6.84 -6.80
N ALA B 315 -4.74 -7.10 -8.10
CA ALA B 315 -5.93 -7.45 -8.87
C ALA B 315 -5.83 -8.82 -9.50
N LYS B 316 -4.78 -9.59 -9.18
CA LYS B 316 -4.71 -10.96 -9.68
C LYS B 316 -5.84 -11.80 -9.07
N ARG B 317 -6.37 -12.65 -9.87
CA ARG B 317 -7.49 -13.43 -9.36
C ARG B 317 -6.99 -14.70 -8.67
N PRO B 318 -7.72 -15.20 -7.67
CA PRO B 318 -7.28 -16.45 -7.03
C PRO B 318 -7.18 -17.61 -8.00
N ASP B 319 -8.10 -17.71 -8.95
CA ASP B 319 -7.86 -18.58 -10.10
C ASP B 319 -6.88 -17.90 -11.05
N GLY B 320 -6.21 -18.70 -11.87
CA GLY B 320 -5.14 -18.16 -12.68
C GLY B 320 -5.58 -17.27 -13.83
N LEU B 321 -6.87 -16.97 -13.90
CA LEU B 321 -7.46 -16.38 -15.09
C LEU B 321 -7.13 -14.90 -15.22
N ALA B 322 -7.04 -14.45 -16.47
CA ALA B 322 -6.79 -13.05 -16.77
C ALA B 322 -8.05 -12.22 -16.55
N GLN B 323 -7.84 -10.98 -16.14
CA GLN B 323 -8.95 -10.04 -15.98
C GLN B 323 -9.59 -9.72 -17.33
N ARG B 324 -10.87 -9.38 -17.29
CA ARG B 324 -11.63 -8.95 -18.47
C ARG B 324 -12.19 -7.56 -18.23
N PRO B 325 -11.34 -6.54 -18.12
CA PRO B 325 -11.77 -5.23 -17.59
C PRO B 325 -12.07 -4.16 -18.63
N THR B 326 -11.97 -4.43 -19.93
CA THR B 326 -12.17 -3.39 -20.92
C THR B 326 -13.33 -3.77 -21.86
N PRO B 327 -13.81 -2.86 -22.70
CA PRO B 327 -14.93 -3.20 -23.58
C PRO B 327 -14.58 -4.13 -24.74
N TYR B 328 -13.31 -4.48 -24.93
CA TYR B 328 -12.92 -5.41 -25.97
C TYR B 328 -12.02 -6.50 -25.38
N ASP B 329 -12.14 -7.70 -25.93
CA ASP B 329 -11.35 -8.82 -25.47
C ASP B 329 -9.96 -8.78 -26.11
N SER B 330 -9.14 -9.77 -25.78
CA SER B 330 -7.78 -9.82 -26.31
C SER B 330 -7.76 -9.99 -27.83
N GLN B 331 -8.87 -10.38 -28.44
CA GLN B 331 -8.98 -10.49 -29.88
C GLN B 331 -9.53 -9.22 -30.51
N LEU B 332 -9.63 -8.12 -29.76
CA LEU B 332 -10.14 -6.84 -30.23
C LEU B 332 -11.58 -6.96 -30.73
N ARG B 333 -12.36 -7.86 -30.13
CA ARG B 333 -13.79 -8.04 -30.37
C ARG B 333 -14.60 -7.39 -29.27
N PRO B 334 -15.71 -6.72 -29.60
CA PRO B 334 -16.48 -6.02 -28.57
C PRO B 334 -17.10 -6.96 -27.55
N LYS B 335 -17.05 -6.54 -26.30
CA LYS B 335 -17.64 -7.22 -25.17
C LYS B 335 -18.92 -6.52 -24.77
N PRO B 336 -19.76 -7.17 -23.94
CA PRO B 336 -20.99 -6.49 -23.49
C PRO B 336 -20.74 -5.15 -22.81
N MET B 337 -19.55 -4.90 -22.27
CA MET B 337 -19.28 -3.61 -21.65
C MET B 337 -19.24 -2.50 -22.69
N ARG B 338 -18.81 -2.79 -23.91
CA ARG B 338 -18.89 -1.79 -24.97
C ARG B 338 -20.33 -1.37 -25.24
N GLU B 339 -21.24 -2.34 -25.29
CA GLU B 339 -22.66 -2.02 -25.44
C GLU B 339 -23.18 -1.24 -24.25
N ALA B 340 -22.76 -1.62 -23.03
CA ALA B 340 -23.19 -0.86 -21.86
C ALA B 340 -22.73 0.59 -21.94
N ILE B 341 -21.47 0.82 -22.34
CA ILE B 341 -20.95 2.18 -22.46
C ILE B 341 -21.72 2.96 -23.51
N ALA B 342 -21.96 2.33 -24.68
CA ALA B 342 -22.73 2.98 -25.72
C ALA B 342 -24.13 3.33 -25.24
N ALA B 343 -24.73 2.45 -24.44
CA ALA B 343 -26.05 2.69 -23.89
C ALA B 343 -26.05 3.91 -22.99
N SER B 344 -25.11 3.96 -22.03
CA SER B 344 -25.03 5.10 -21.13
C SER B 344 -24.72 6.39 -21.89
N LEU B 345 -23.95 6.30 -22.98
CA LEU B 345 -23.65 7.49 -23.76
C LEU B 345 -24.88 7.98 -24.53
N ARG B 346 -25.72 7.06 -24.99
CA ARG B 346 -26.92 7.45 -25.74
C ARG B 346 -27.95 8.10 -24.82
N ALA B 347 -28.10 7.58 -23.61
CA ALA B 347 -29.16 8.01 -22.71
C ALA B 347 -28.75 9.15 -21.80
N MET B 348 -27.51 9.62 -21.88
CA MET B 348 -27.07 10.63 -20.93
C MET B 348 -27.52 12.02 -21.36
N PRO B 349 -27.72 12.94 -20.42
CA PRO B 349 -28.09 14.30 -20.81
C PRO B 349 -26.99 14.99 -21.60
N MET B 350 -27.40 15.94 -22.45
CA MET B 350 -26.46 16.79 -23.17
C MET B 350 -25.54 17.50 -22.19
N ARG B 351 -24.25 17.50 -22.48
CA ARG B 351 -23.29 18.22 -21.65
C ARG B 351 -23.54 19.71 -21.71
N LYS B 352 -23.12 20.41 -20.64
CA LYS B 352 -23.20 21.86 -20.61
C LYS B 352 -22.27 22.45 -21.66
N ALA B 353 -22.69 23.57 -22.23
CA ALA B 353 -21.97 24.19 -23.33
C ALA B 353 -20.80 25.02 -22.83
#